data_6SPJ
#
_entry.id   6SPJ
#
_cell.length_a   112.506
_cell.length_b   194.658
_cell.length_c   75.169
_cell.angle_alpha   90.000
_cell.angle_beta   96.970
_cell.angle_gamma   90.000
#
_symmetry.space_group_name_H-M   'C 1 2 1'
#
loop_
_entity.id
_entity.type
_entity.pdbx_description
1 polymer 'Superoxide dismutase [Cu-Zn]'
2 non-polymer 'ZINC ION'
3 non-polymer ~{N}-pyridin-2-yl-2-selanyl-benzamide
4 non-polymer 'SULFATE ION'
5 non-polymer GLYCEROL
6 non-polymer 'DIMETHYL SULFOXIDE'
7 non-polymer 'CHLORIDE ION'
8 water water
#
_entity_poly.entity_id   1
_entity_poly.type   'polypeptide(L)'
_entity_poly.pdbx_seq_one_letter_code
;ATKVVCVLKGDGPVQGIINFEQKESNGPVKVWGSIKGLTEGLHGFHVHEFGDNTAGCTSAGPHFNPLSRKHGGPKDEERH
VGDLGNVTADKDGVADVSIEDSVISLSGDHCIIGRTLVVHEKADDLGKGGNEESTKTGNAGSRLACGVIGIAQ
;
_entity_poly.pdbx_strand_id   A,B,E,F,I,J
#
loop_
_chem_comp.id
_chem_comp.type
_chem_comp.name
_chem_comp.formula
CL non-polymer 'CHLORIDE ION' 'Cl -1'
DMS non-polymer 'DIMETHYL SULFOXIDE' 'C2 H6 O S'
GOL non-polymer GLYCEROL 'C3 H8 O3'
LR2 non-polymer ~{N}-pyridin-2-yl-2-selanyl-benzamide 'C12 H10 N2 O Se'
SO4 non-polymer 'SULFATE ION' 'O4 S -2'
ZN non-polymer 'ZINC ION' 'Zn 2'
#
# COMPACT_ATOMS: atom_id res chain seq x y z
N ALA A 1 -6.65 -9.75 4.80
CA ALA A 1 -6.13 -10.57 5.92
C ALA A 1 -6.47 -9.86 7.23
N THR A 2 -5.71 -8.82 7.59
CA THR A 2 -5.85 -8.09 8.88
C THR A 2 -6.93 -7.00 8.71
N LYS A 3 -7.95 -7.03 9.58
CA LYS A 3 -9.04 -6.03 9.64
C LYS A 3 -9.00 -5.39 11.02
N VAL A 4 -8.99 -4.06 11.07
CA VAL A 4 -8.99 -3.33 12.37
C VAL A 4 -10.04 -2.21 12.28
N VAL A 5 -10.40 -1.68 13.43
CA VAL A 5 -11.52 -0.71 13.57
C VAL A 5 -11.14 0.32 14.62
N CYS A 6 -11.69 1.50 14.47
CA CYS A 6 -11.48 2.63 15.39
C CYS A 6 -12.82 3.34 15.55
N VAL A 7 -13.26 3.51 16.78
CA VAL A 7 -14.47 4.32 17.09
C VAL A 7 -13.98 5.67 17.60
N LEU A 8 -14.29 6.73 16.86
CA LEU A 8 -13.88 8.10 17.20
C LEU A 8 -14.95 8.71 18.13
N LYS A 9 -14.52 9.18 19.30
CA LYS A 9 -15.36 9.84 20.31
C LYS A 9 -14.58 11.02 20.85
N GLY A 10 -15.28 12.03 21.33
CA GLY A 10 -14.67 13.16 22.05
C GLY A 10 -15.66 13.80 23.01
N ASP A 11 -15.39 15.04 23.40
CA ASP A 11 -16.19 15.80 24.38
C ASP A 11 -17.26 16.61 23.66
N GLY A 12 -17.27 16.61 22.32
CA GLY A 12 -18.20 17.37 21.48
C GLY A 12 -19.06 16.46 20.63
N PRO A 13 -19.59 16.96 19.50
CA PRO A 13 -20.49 16.19 18.64
C PRO A 13 -19.81 15.20 17.68
N VAL A 14 -18.48 15.19 17.57
CA VAL A 14 -17.81 14.40 16.49
C VAL A 14 -17.76 12.92 16.88
N GLN A 15 -18.32 12.07 16.04
CA GLN A 15 -18.40 10.61 16.26
C GLN A 15 -18.15 9.94 14.92
N GLY A 16 -17.45 8.82 14.90
CA GLY A 16 -17.35 8.04 13.67
C GLY A 16 -16.81 6.65 13.92
N ILE A 17 -16.87 5.84 12.88
CA ILE A 17 -16.32 4.47 12.85
C ILE A 17 -15.43 4.40 11.63
N ILE A 18 -14.14 4.13 11.82
CA ILE A 18 -13.18 3.99 10.68
C ILE A 18 -12.65 2.56 10.70
N ASN A 19 -12.78 1.89 9.54
CA ASN A 19 -12.24 0.54 9.27
C ASN A 19 -10.89 0.67 8.56
N PHE A 20 -9.98 -0.22 8.87
CA PHE A 20 -8.73 -0.44 8.12
C PHE A 20 -8.68 -1.91 7.70
N GLU A 21 -8.25 -2.17 6.47
CA GLU A 21 -8.02 -3.57 6.00
C GLU A 21 -6.77 -3.60 5.12
N GLN A 22 -5.94 -4.62 5.33
CA GLN A 22 -4.67 -4.88 4.59
C GLN A 22 -4.65 -6.35 4.14
N LYS A 23 -4.66 -6.59 2.83
CA LYS A 23 -4.69 -7.94 2.20
C LYS A 23 -3.34 -8.62 2.38
N GLU A 24 -2.23 -7.90 2.12
CA GLU A 24 -0.86 -8.46 2.12
C GLU A 24 -0.01 -7.76 3.20
N SER A 25 0.90 -8.50 3.82
CA SER A 25 1.69 -8.13 5.03
C SER A 25 2.30 -6.72 4.91
N ASN A 26 2.71 -6.30 3.72
CA ASN A 26 3.43 -5.02 3.50
C ASN A 26 2.72 -4.14 2.46
N GLY A 27 1.56 -4.57 1.97
CA GLY A 27 0.82 -3.89 0.88
C GLY A 27 -0.02 -2.73 1.39
N PRO A 28 -0.83 -2.12 0.49
CA PRO A 28 -1.62 -0.94 0.86
C PRO A 28 -2.70 -1.23 1.91
N VAL A 29 -3.00 -0.25 2.75
CA VAL A 29 -4.12 -0.32 3.75
C VAL A 29 -5.28 0.50 3.20
N LYS A 30 -6.46 -0.12 3.11
CA LYS A 30 -7.73 0.55 2.76
C LYS A 30 -8.32 1.10 4.05
N VAL A 31 -8.66 2.38 4.05
CA VAL A 31 -9.25 3.08 5.22
C VAL A 31 -10.61 3.58 4.77
N TRP A 32 -11.69 3.19 5.45
CA TRP A 32 -13.02 3.67 5.06
C TRP A 32 -13.94 3.76 6.27
N GLY A 33 -14.89 4.66 6.19
CA GLY A 33 -16.01 4.73 7.13
C GLY A 33 -16.66 6.07 7.04
N SER A 34 -17.14 6.56 8.16
CA SER A 34 -17.86 7.85 8.20
CA SER A 34 -17.95 7.80 8.24
C SER A 34 -17.66 8.51 9.56
N ILE A 35 -17.60 9.83 9.53
CA ILE A 35 -17.54 10.70 10.72
C ILE A 35 -18.67 11.73 10.57
N LYS A 36 -19.42 11.95 11.64
CA LYS A 36 -20.52 12.93 11.64
C LYS A 36 -20.21 13.99 12.69
N GLY A 37 -20.95 15.10 12.63
CA GLY A 37 -20.88 16.19 13.62
C GLY A 37 -19.76 17.15 13.31
N LEU A 38 -19.26 17.16 12.06
CA LEU A 38 -18.10 18.02 11.68
C LEU A 38 -18.63 19.29 11.00
N THR A 39 -17.85 20.37 11.07
CA THR A 39 -18.00 21.56 10.16
C THR A 39 -17.71 21.12 8.72
N GLU A 40 -18.52 21.59 7.77
CA GLU A 40 -18.29 21.39 6.32
C GLU A 40 -16.83 21.74 6.00
N GLY A 41 -16.19 20.96 5.13
CA GLY A 41 -14.84 21.28 4.65
C GLY A 41 -13.79 20.30 5.18
N LEU A 42 -12.53 20.69 5.11
CA LEU A 42 -11.38 19.76 5.32
C LEU A 42 -11.10 19.65 6.83
N HIS A 43 -10.75 18.44 7.24
CA HIS A 43 -10.35 18.14 8.65
C HIS A 43 -9.12 17.25 8.65
N GLY A 44 -8.09 17.66 9.37
CA GLY A 44 -6.88 16.87 9.55
C GLY A 44 -7.22 15.50 10.07
N PHE A 45 -6.52 14.48 9.57
CA PHE A 45 -6.84 13.06 9.86
C PHE A 45 -5.52 12.33 10.06
N HIS A 46 -5.18 12.00 11.30
CA HIS A 46 -3.83 11.51 11.66
C HIS A 46 -3.88 10.32 12.61
N VAL A 47 -2.91 9.42 12.45
CA VAL A 47 -2.54 8.42 13.48
C VAL A 47 -1.50 9.08 14.38
N HIS A 48 -1.85 9.19 15.66
CA HIS A 48 -0.98 9.71 16.74
C HIS A 48 -0.34 8.52 17.46
N GLU A 49 0.71 8.82 18.21
CA GLU A 49 1.71 7.82 18.66
C GLU A 49 1.12 6.84 19.69
N PHE A 50 0.37 7.33 20.66
CA PHE A 50 0.00 6.55 21.86
C PHE A 50 -1.48 6.21 21.81
N GLY A 51 -1.78 4.94 22.03
CA GLY A 51 -3.17 4.48 22.25
C GLY A 51 -3.56 4.74 23.68
N ASP A 52 -3.43 5.99 24.10
CA ASP A 52 -3.58 6.43 25.50
C ASP A 52 -4.63 7.53 25.54
N ASN A 53 -5.78 7.24 26.15
CA ASN A 53 -6.91 8.18 26.30
C ASN A 53 -7.08 8.59 27.75
N THR A 54 -6.03 8.48 28.58
CA THR A 54 -6.09 8.78 30.04
C THR A 54 -6.57 10.23 30.25
N ALA A 55 -6.09 11.17 29.46
CA ALA A 55 -6.51 12.59 29.49
C ALA A 55 -7.17 12.98 28.16
N GLY A 56 -8.20 12.23 27.75
CA GLY A 56 -8.87 12.43 26.45
C GLY A 56 -7.89 12.34 25.28
N CYS A 57 -8.13 13.06 24.18
CA CYS A 57 -7.31 12.94 22.94
C CYS A 57 -5.91 13.51 23.15
N THR A 58 -5.71 14.39 24.14
CA THR A 58 -4.39 15.04 24.39
C THR A 58 -3.33 13.99 24.70
N SER A 59 -3.69 12.86 25.34
CA SER A 59 -2.69 11.85 25.79
CA SER A 59 -2.69 11.85 25.79
C SER A 59 -2.20 11.00 24.61
N ALA A 60 -2.84 11.11 23.43
CA ALA A 60 -2.42 10.36 22.23
C ALA A 60 -1.03 10.79 21.77
N GLY A 61 -0.53 11.94 22.23
CA GLY A 61 0.82 12.42 21.91
C GLY A 61 0.85 12.99 20.49
N PRO A 62 2.04 13.07 19.85
CA PRO A 62 2.18 13.68 18.54
C PRO A 62 1.82 12.70 17.41
N HIS A 63 1.91 13.13 16.16
CA HIS A 63 1.68 12.24 14.99
C HIS A 63 2.64 11.05 15.11
N PHE A 64 2.17 9.85 14.80
CA PHE A 64 3.01 8.62 14.79
C PHE A 64 4.13 8.82 13.77
N ASN A 65 5.36 8.83 14.27
CA ASN A 65 6.56 9.30 13.52
C ASN A 65 7.77 8.45 13.89
N PRO A 66 7.79 7.13 13.57
CA PRO A 66 8.95 6.29 13.87
C PRO A 66 10.22 6.67 13.07
N LEU A 67 10.09 7.20 11.85
CA LEU A 67 11.26 7.60 11.02
C LEU A 67 11.75 9.03 11.36
N SER A 68 11.23 9.63 12.44
CA SER A 68 11.62 10.99 12.94
C SER A 68 11.66 12.02 11.82
N ARG A 69 10.64 12.05 10.94
CA ARG A 69 10.55 13.01 9.82
C ARG A 69 9.68 14.20 10.25
N LYS A 70 9.64 15.23 9.40
CA LYS A 70 8.72 16.39 9.58
C LYS A 70 7.37 16.04 8.96
N HIS A 71 6.34 16.80 9.32
CA HIS A 71 4.95 16.62 8.87
C HIS A 71 4.82 16.89 7.38
N GLY A 72 3.96 16.13 6.69
CA GLY A 72 3.64 16.32 5.27
C GLY A 72 2.26 15.80 4.96
N GLY A 73 1.84 15.94 3.71
CA GLY A 73 0.67 15.23 3.16
C GLY A 73 1.03 13.78 2.91
N PRO A 74 0.05 12.87 2.77
CA PRO A 74 0.33 11.46 2.56
C PRO A 74 1.22 11.17 1.34
N LYS A 75 1.20 12.05 0.33
CA LYS A 75 1.94 11.82 -0.94
C LYS A 75 3.35 12.39 -0.85
N ASP A 76 3.74 13.02 0.25
CA ASP A 76 5.12 13.51 0.45
C ASP A 76 6.02 12.37 0.94
N GLU A 77 7.25 12.28 0.41
CA GLU A 77 8.32 11.40 0.96
C GLU A 77 8.60 11.84 2.40
N GLU A 78 8.75 13.14 2.63
CA GLU A 78 8.91 13.71 4.00
CA GLU A 78 8.90 13.70 3.99
C GLU A 78 7.51 13.85 4.61
N ARG A 79 7.11 12.86 5.41
CA ARG A 79 5.84 12.83 6.18
C ARG A 79 6.07 11.97 7.41
N HIS A 80 5.23 12.16 8.41
CA HIS A 80 5.01 11.20 9.52
C HIS A 80 4.31 9.95 8.96
N VAL A 81 4.56 8.78 9.53
CA VAL A 81 3.80 7.57 9.14
C VAL A 81 2.32 7.86 9.33
N GLY A 82 1.98 8.57 10.39
CA GLY A 82 0.57 8.87 10.75
C GLY A 82 -0.09 9.94 9.90
N ASP A 83 0.60 10.49 8.90
CA ASP A 83 0.04 11.61 8.10
C ASP A 83 -0.90 11.08 7.00
N LEU A 84 -2.20 11.06 7.26
CA LEU A 84 -3.20 10.60 6.26
C LEU A 84 -3.92 11.81 5.66
N GLY A 85 -3.43 13.02 5.90
CA GLY A 85 -3.93 14.19 5.16
C GLY A 85 -5.23 14.69 5.73
N ASN A 86 -6.21 14.91 4.87
CA ASN A 86 -7.52 15.48 5.27
C ASN A 86 -8.65 14.51 4.89
N VAL A 87 -9.76 14.66 5.60
CA VAL A 87 -11.08 14.14 5.18
C VAL A 87 -11.97 15.36 4.91
N THR A 88 -13.04 15.16 4.16
CA THR A 88 -13.96 16.24 3.68
C THR A 88 -15.35 15.95 4.23
N ALA A 89 -15.82 16.80 5.14
CA ALA A 89 -17.20 16.80 5.64
C ALA A 89 -18.09 17.58 4.65
N ASP A 90 -19.22 17.00 4.26
CA ASP A 90 -20.17 17.68 3.34
CA ASP A 90 -20.25 17.61 3.38
C ASP A 90 -21.00 18.68 4.17
N LYS A 91 -21.94 19.38 3.53
CA LYS A 91 -22.84 20.38 4.15
C LYS A 91 -23.57 19.78 5.36
N ASP A 92 -23.91 18.48 5.26
CA ASP A 92 -24.58 17.67 6.32
C ASP A 92 -23.65 17.38 7.52
N GLY A 93 -22.35 17.69 7.44
CA GLY A 93 -21.38 17.52 8.53
C GLY A 93 -20.80 16.11 8.57
N VAL A 94 -21.04 15.35 7.50
CA VAL A 94 -20.64 13.93 7.38
C VAL A 94 -19.47 13.84 6.39
N ALA A 95 -18.33 13.32 6.86
CA ALA A 95 -17.22 12.88 6.01
C ALA A 95 -17.38 11.39 5.76
N ASP A 96 -17.67 11.03 4.51
CA ASP A 96 -17.50 9.66 3.99
C ASP A 96 -16.01 9.48 3.74
N VAL A 97 -15.38 8.61 4.51
CA VAL A 97 -13.91 8.47 4.46
C VAL A 97 -13.59 7.30 3.56
N SER A 98 -12.68 7.50 2.62
CA SER A 98 -12.12 6.39 1.82
C SER A 98 -10.73 6.82 1.37
N ILE A 99 -9.72 6.14 1.88
CA ILE A 99 -8.30 6.44 1.67
C ILE A 99 -7.61 5.11 1.47
N GLU A 100 -6.59 5.09 0.61
CA GLU A 100 -5.62 3.98 0.54
C GLU A 100 -4.25 4.59 0.79
N ASP A 101 -3.48 3.99 1.70
CA ASP A 101 -2.12 4.47 2.08
C ASP A 101 -1.20 3.25 2.15
N SER A 102 0.05 3.42 1.76
CA SER A 102 1.03 2.31 1.70
CA SER A 102 1.03 2.30 1.70
C SER A 102 2.19 2.58 2.67
N VAL A 103 2.08 3.64 3.48
CA VAL A 103 3.11 3.98 4.51
C VAL A 103 2.62 3.48 5.89
N ILE A 104 1.34 3.65 6.23
CA ILE A 104 0.78 2.97 7.43
C ILE A 104 0.74 1.47 7.13
N SER A 105 0.74 0.62 8.16
CA SER A 105 0.61 -0.85 8.02
C SER A 105 -0.26 -1.42 9.15
N LEU A 106 -0.84 -2.60 8.95
CA LEU A 106 -1.46 -3.40 10.04
C LEU A 106 -0.54 -4.56 10.46
N SER A 107 0.76 -4.46 10.14
N SER A 107 0.69 -4.60 9.97
CA SER A 107 1.84 -5.38 10.57
CA SER A 107 1.61 -5.76 10.16
C SER A 107 3.20 -4.67 10.53
C SER A 107 3.06 -5.28 10.00
N GLY A 108 4.12 -5.03 11.42
N GLY A 108 3.96 -5.81 10.82
CA GLY A 108 5.54 -4.64 11.36
CA GLY A 108 5.37 -5.39 10.84
C GLY A 108 5.81 -3.24 11.91
C GLY A 108 5.52 -3.88 10.91
N ASP A 109 6.82 -2.57 11.33
N ASP A 109 6.51 -3.34 10.20
CA ASP A 109 7.47 -1.35 11.87
CA ASP A 109 6.96 -1.93 10.27
C ASP A 109 6.51 -0.15 11.84
C ASP A 109 5.78 -0.99 10.06
N HIS A 110 5.68 -0.04 10.80
N HIS A 110 5.68 0.05 10.90
CA HIS A 110 4.74 1.10 10.61
CA HIS A 110 4.75 1.20 10.76
C HIS A 110 3.32 0.68 11.03
C HIS A 110 3.33 0.80 11.17
N CYS A 111 3.20 -0.27 11.95
CA CYS A 111 1.89 -0.82 12.33
C CYS A 111 1.18 0.19 13.25
N ILE A 112 -0.12 0.43 13.02
CA ILE A 112 -0.91 1.49 13.74
C ILE A 112 -1.86 0.85 14.74
N ILE A 113 -1.90 -0.49 14.82
CA ILE A 113 -2.74 -1.20 15.83
C ILE A 113 -2.26 -0.82 17.23
N GLY A 114 -3.20 -0.40 18.09
CA GLY A 114 -2.93 0.09 19.45
C GLY A 114 -2.47 1.53 19.50
N ARG A 115 -2.49 2.25 18.37
CA ARG A 115 -2.22 3.71 18.35
C ARG A 115 -3.57 4.41 18.21
N THR A 116 -3.60 5.75 18.10
CA THR A 116 -4.85 6.55 18.20
C THR A 116 -5.09 7.22 16.85
N LEU A 117 -6.27 7.05 16.28
CA LEU A 117 -6.74 7.87 15.14
C LEU A 117 -7.42 9.11 15.71
N VAL A 118 -7.04 10.29 15.21
CA VAL A 118 -7.59 11.62 15.61
C VAL A 118 -8.12 12.32 14.36
N VAL A 119 -9.31 12.89 14.48
CA VAL A 119 -9.84 13.86 13.50
C VAL A 119 -9.79 15.24 14.13
N HIS A 120 -9.25 16.22 13.40
CA HIS A 120 -8.94 17.57 13.92
C HIS A 120 -9.98 18.62 13.49
N GLU A 121 -9.96 19.73 14.22
CA GLU A 121 -10.83 20.91 14.07
C GLU A 121 -10.73 21.50 12.66
N LYS A 122 -9.51 21.71 12.16
CA LYS A 122 -9.25 22.50 10.93
C LYS A 122 -8.52 21.64 9.89
N ALA A 123 -8.31 22.17 8.68
CA ALA A 123 -7.57 21.52 7.58
C ALA A 123 -6.14 21.27 8.06
N ASP A 124 -5.57 20.15 7.65
CA ASP A 124 -4.10 19.91 7.63
C ASP A 124 -3.53 20.69 6.43
N ASP A 125 -2.59 21.62 6.68
CA ASP A 125 -1.94 22.45 5.62
C ASP A 125 -0.81 21.66 4.94
N LEU A 126 -0.61 20.39 5.31
CA LEU A 126 0.33 19.44 4.66
C LEU A 126 1.76 19.95 4.85
N GLY A 127 2.01 20.75 5.88
CA GLY A 127 3.35 21.29 6.16
C GLY A 127 3.69 22.53 5.33
N LYS A 128 2.73 23.18 4.65
CA LYS A 128 3.00 24.34 3.75
C LYS A 128 2.46 25.67 4.30
N GLY A 129 2.31 25.81 5.61
CA GLY A 129 1.67 27.01 6.18
C GLY A 129 2.69 28.09 6.57
N GLY A 130 3.99 27.77 6.53
CA GLY A 130 5.08 28.74 6.80
C GLY A 130 5.25 29.04 8.28
N ASN A 131 5.01 28.06 9.18
CA ASN A 131 5.41 28.18 10.62
C ASN A 131 5.73 26.82 11.22
N GLU A 132 6.18 26.85 12.49
CA GLU A 132 6.63 25.69 13.29
C GLU A 132 5.48 24.70 13.40
N GLU A 133 4.29 25.21 13.71
CA GLU A 133 3.05 24.42 13.84
C GLU A 133 2.87 23.62 12.54
N SER A 134 3.18 24.23 11.40
CA SER A 134 2.85 23.63 10.08
C SER A 134 3.66 22.33 9.94
N THR A 135 4.95 22.37 10.26
CA THR A 135 5.91 21.27 9.99
C THR A 135 5.90 20.23 11.11
N LYS A 136 5.02 20.37 12.10
CA LYS A 136 4.78 19.37 13.17
C LYS A 136 3.34 18.84 13.08
N THR A 137 2.32 19.71 13.06
CA THR A 137 0.89 19.32 13.18
C THR A 137 0.07 19.62 11.91
N GLY A 138 0.62 20.39 10.97
CA GLY A 138 -0.13 20.86 9.79
C GLY A 138 -1.15 21.92 10.18
N ASN A 139 -1.08 22.47 11.40
CA ASN A 139 -2.07 23.48 11.87
C ASN A 139 -3.49 22.93 11.80
N ALA A 140 -3.68 21.63 12.04
CA ALA A 140 -5.03 21.02 11.96
C ALA A 140 -5.83 21.40 13.22
N GLY A 141 -5.20 22.03 14.21
CA GLY A 141 -5.85 22.54 15.42
C GLY A 141 -6.33 21.43 16.35
N SER A 142 -7.46 21.64 17.02
CA SER A 142 -7.80 20.86 18.23
C SER A 142 -8.25 19.45 17.82
N ARG A 143 -8.12 18.50 18.74
CA ARG A 143 -8.48 17.09 18.55
C ARG A 143 -9.96 16.93 18.88
N LEU A 144 -10.83 16.76 17.89
CA LEU A 144 -12.30 16.75 18.10
C LEU A 144 -12.77 15.36 18.58
N ALA A 145 -12.20 14.30 18.03
CA ALA A 145 -12.57 12.92 18.42
C ALA A 145 -11.37 11.99 18.12
N CYS A 146 -11.23 10.93 18.90
CA CYS A 146 -10.15 9.94 18.75
C CYS A 146 -10.62 8.59 19.27
N GLY A 147 -9.90 7.56 18.88
CA GLY A 147 -10.08 6.18 19.38
C GLY A 147 -8.80 5.42 19.19
N VAL A 148 -8.64 4.40 20.01
CA VAL A 148 -7.55 3.41 19.85
C VAL A 148 -7.94 2.46 18.70
N ILE A 149 -6.97 2.14 17.86
CA ILE A 149 -7.14 1.28 16.67
C ILE A 149 -7.05 -0.17 17.16
N GLY A 150 -8.10 -0.94 16.94
CA GLY A 150 -8.25 -2.26 17.61
C GLY A 150 -8.52 -3.33 16.58
N ILE A 151 -8.30 -4.59 16.98
CA ILE A 151 -8.53 -5.77 16.10
C ILE A 151 -10.04 -5.94 15.90
N ALA A 152 -10.47 -6.03 14.65
CA ALA A 152 -11.87 -6.29 14.31
C ALA A 152 -12.01 -7.78 13.96
N GLN A 153 -13.23 -8.32 14.05
CA GLN A 153 -13.59 -9.57 13.34
C GLN A 153 -13.50 -9.30 11.82
N ALA B 1 11.24 -2.36 27.60
CA ALA B 1 9.97 -2.81 28.27
C ALA B 1 8.76 -2.18 27.57
N THR B 2 7.93 -3.00 26.92
CA THR B 2 6.62 -2.60 26.34
C THR B 2 5.67 -2.16 27.47
N LYS B 3 5.15 -0.94 27.34
CA LYS B 3 4.17 -0.31 28.25
C LYS B 3 2.86 -0.07 27.48
N VAL B 4 1.73 -0.54 28.01
CA VAL B 4 0.42 -0.32 27.36
C VAL B 4 -0.58 0.11 28.43
N VAL B 5 -1.72 0.58 27.96
CA VAL B 5 -2.71 1.24 28.86
C VAL B 5 -4.08 1.01 28.25
N CYS B 6 -5.07 0.99 29.12
CA CYS B 6 -6.48 0.79 28.77
C CYS B 6 -7.33 1.74 29.59
N VAL B 7 -8.19 2.53 28.95
CA VAL B 7 -9.17 3.39 29.69
C VAL B 7 -10.55 2.72 29.59
N LEU B 8 -11.09 2.30 30.73
CA LEU B 8 -12.41 1.62 30.82
C LEU B 8 -13.52 2.67 30.93
N LYS B 9 -14.46 2.62 29.99
CA LYS B 9 -15.70 3.44 29.96
C LYS B 9 -16.85 2.52 29.57
N GLY B 10 -18.07 2.84 30.03
CA GLY B 10 -19.28 2.15 29.59
C GLY B 10 -20.47 3.08 29.70
N ASP B 11 -21.68 2.53 29.79
CA ASP B 11 -22.95 3.30 29.79
C ASP B 11 -23.14 3.95 31.14
N GLY B 12 -22.60 3.35 32.19
CA GLY B 12 -22.85 3.74 33.58
C GLY B 12 -21.68 4.49 34.16
N PRO B 13 -21.56 4.51 35.51
CA PRO B 13 -20.49 5.25 36.17
C PRO B 13 -19.17 4.48 36.31
N VAL B 14 -19.11 3.23 35.82
CA VAL B 14 -17.89 2.42 35.98
C VAL B 14 -16.84 2.96 35.00
N GLN B 15 -15.69 3.34 35.55
CA GLN B 15 -14.57 3.83 34.71
C GLN B 15 -13.28 3.55 35.45
N GLY B 16 -12.19 3.43 34.68
CA GLY B 16 -10.88 3.22 35.27
C GLY B 16 -9.78 3.31 34.25
N ILE B 17 -8.57 3.16 34.76
CA ILE B 17 -7.32 3.16 33.97
C ILE B 17 -6.50 1.98 34.45
N ILE B 18 -6.17 1.09 33.53
CA ILE B 18 -5.34 -0.10 33.81
C ILE B 18 -4.08 0.00 32.94
N ASN B 19 -2.93 -0.15 33.57
CA ASN B 19 -1.59 -0.22 32.92
C ASN B 19 -1.14 -1.67 32.79
N PHE B 20 -0.39 -1.96 31.73
CA PHE B 20 0.26 -3.28 31.47
C PHE B 20 1.72 -3.01 31.13
N GLU B 21 2.63 -3.84 31.63
CA GLU B 21 4.10 -3.72 31.35
C GLU B 21 4.72 -5.12 31.34
N GLN B 22 5.48 -5.43 30.27
CA GLN B 22 6.15 -6.73 30.03
C GLN B 22 7.63 -6.41 29.73
N LYS B 23 8.55 -7.05 30.44
CA LYS B 23 10.02 -6.84 30.31
C LYS B 23 10.53 -7.69 29.15
N GLU B 24 10.03 -8.92 28.97
CA GLU B 24 10.47 -9.75 27.80
C GLU B 24 9.33 -10.60 27.24
N SER B 25 9.51 -11.05 26.00
N SER B 25 9.52 -11.04 26.00
CA SER B 25 8.63 -12.04 25.33
CA SER B 25 8.49 -11.56 25.05
C SER B 25 8.46 -13.27 26.22
C SER B 25 7.57 -12.61 25.70
N ASN B 26 7.22 -13.79 26.27
N ASN B 26 8.16 -13.60 26.38
CA ASN B 26 6.82 -14.99 27.06
CA ASN B 26 7.47 -14.81 26.89
C ASN B 26 7.04 -14.74 28.56
C ASN B 26 7.43 -14.77 28.43
N GLY B 27 7.53 -13.56 28.98
CA GLY B 27 7.67 -13.27 30.43
C GLY B 27 6.35 -12.75 30.99
N PRO B 28 6.30 -12.47 32.33
CA PRO B 28 5.09 -12.03 32.98
C PRO B 28 4.74 -10.58 32.61
N VAL B 29 3.44 -10.29 32.54
CA VAL B 29 2.88 -8.93 32.36
C VAL B 29 2.39 -8.46 33.73
N LYS B 30 2.89 -7.33 34.19
CA LYS B 30 2.34 -6.63 35.38
C LYS B 30 1.13 -5.80 34.92
N VAL B 31 0.04 -5.87 35.67
CA VAL B 31 -1.27 -5.24 35.34
C VAL B 31 -1.71 -4.49 36.58
N TRP B 32 -1.83 -3.17 36.50
CA TRP B 32 -2.14 -2.35 37.68
C TRP B 32 -2.88 -1.09 37.30
N GLY B 33 -3.63 -0.58 38.25
CA GLY B 33 -4.41 0.65 38.08
C GLY B 33 -5.55 0.65 39.06
N SER B 34 -6.65 1.32 38.69
CA SER B 34 -7.85 1.38 39.54
CA SER B 34 -7.84 1.50 39.56
C SER B 34 -9.11 1.55 38.68
N ILE B 35 -10.22 1.09 39.22
CA ILE B 35 -11.57 1.19 38.61
C ILE B 35 -12.49 1.72 39.69
N LYS B 36 -13.33 2.71 39.39
CA LYS B 36 -14.27 3.29 40.39
C LYS B 36 -15.71 3.10 39.90
N GLY B 37 -16.68 3.31 40.80
CA GLY B 37 -18.11 3.26 40.49
C GLY B 37 -18.67 1.84 40.48
N LEU B 38 -17.91 0.86 40.97
CA LEU B 38 -18.29 -0.57 41.03
C LEU B 38 -19.10 -0.85 42.29
N THR B 39 -19.98 -1.85 42.24
CA THR B 39 -20.59 -2.45 43.47
C THR B 39 -19.47 -3.19 44.24
N GLU B 40 -19.54 -3.18 45.56
CA GLU B 40 -18.52 -3.78 46.45
C GLU B 40 -18.41 -5.29 46.11
N GLY B 41 -17.20 -5.85 46.16
CA GLY B 41 -16.96 -7.28 45.93
C GLY B 41 -16.31 -7.58 44.59
N LEU B 42 -16.45 -8.82 44.14
CA LEU B 42 -15.72 -9.41 42.99
C LEU B 42 -16.38 -9.00 41.68
N HIS B 43 -15.54 -8.64 40.70
CA HIS B 43 -15.94 -8.32 39.32
C HIS B 43 -15.01 -9.05 38.37
N GLY B 44 -15.59 -9.80 37.44
CA GLY B 44 -14.82 -10.54 36.43
C GLY B 44 -14.01 -9.56 35.62
N PHE B 45 -12.80 -9.93 35.25
CA PHE B 45 -11.82 -9.03 34.63
C PHE B 45 -11.15 -9.80 33.50
N HIS B 46 -11.48 -9.48 32.24
CA HIS B 46 -11.06 -10.32 31.09
C HIS B 46 -10.56 -9.46 29.91
N VAL B 47 -9.61 -10.01 29.18
CA VAL B 47 -9.33 -9.56 27.79
C VAL B 47 -10.25 -10.33 26.85
N HIS B 48 -11.04 -9.58 26.09
CA HIS B 48 -11.91 -10.09 25.03
C HIS B 48 -11.21 -9.92 23.69
N GLU B 49 -11.69 -10.65 22.69
CA GLU B 49 -10.99 -10.90 21.41
C GLU B 49 -10.81 -9.62 20.58
N PHE B 50 -11.82 -8.77 20.47
CA PHE B 50 -11.88 -7.69 19.45
C PHE B 50 -11.72 -6.33 20.12
N GLY B 51 -10.87 -5.47 19.53
CA GLY B 51 -10.73 -4.05 19.89
C GLY B 51 -11.78 -3.24 19.17
N ASP B 52 -13.03 -3.66 19.29
CA ASP B 52 -14.14 -3.15 18.45
C ASP B 52 -15.21 -2.66 19.41
N ASN B 53 -15.39 -1.36 19.45
CA ASN B 53 -16.38 -0.70 20.34
C ASN B 53 -17.56 -0.18 19.50
N THR B 54 -17.80 -0.70 18.30
CA THR B 54 -18.83 -0.16 17.38
C THR B 54 -20.22 -0.24 18.03
N ALA B 55 -20.50 -1.29 18.81
CA ALA B 55 -21.73 -1.40 19.65
C ALA B 55 -21.37 -1.56 21.13
N GLY B 56 -20.73 -0.55 21.71
CA GLY B 56 -20.27 -0.59 23.11
C GLY B 56 -19.43 -1.84 23.36
N CYS B 57 -19.51 -2.41 24.57
CA CYS B 57 -18.64 -3.53 25.01
C CYS B 57 -19.10 -4.84 24.38
N THR B 58 -20.33 -4.91 23.90
CA THR B 58 -20.87 -6.11 23.21
C THR B 58 -19.99 -6.51 22.02
N SER B 59 -19.51 -5.53 21.24
CA SER B 59 -18.78 -5.80 19.97
CA SER B 59 -18.76 -5.77 19.98
C SER B 59 -17.38 -6.36 20.28
N ALA B 60 -16.95 -6.36 21.55
CA ALA B 60 -15.61 -6.89 21.90
C ALA B 60 -15.56 -8.42 21.71
N GLY B 61 -16.71 -9.08 21.55
CA GLY B 61 -16.79 -10.54 21.31
C GLY B 61 -16.48 -11.32 22.59
N PRO B 62 -16.08 -12.61 22.49
CA PRO B 62 -15.87 -13.44 23.68
C PRO B 62 -14.49 -13.20 24.31
N HIS B 63 -14.18 -13.90 25.40
CA HIS B 63 -12.83 -13.87 26.03
C HIS B 63 -11.81 -14.23 24.94
N PHE B 64 -10.69 -13.54 24.88
CA PHE B 64 -9.56 -13.83 23.96
C PHE B 64 -9.09 -15.27 24.23
N ASN B 65 -9.17 -16.13 23.22
CA ASN B 65 -9.04 -17.60 23.36
C ASN B 65 -8.38 -18.19 22.12
N PRO B 66 -7.11 -17.83 21.81
CA PRO B 66 -6.47 -18.32 20.58
C PRO B 66 -6.11 -19.82 20.66
N LEU B 67 -6.08 -20.43 21.85
CA LEU B 67 -5.76 -21.88 22.02
C LEU B 67 -7.04 -22.71 22.04
N SER B 68 -8.21 -22.07 21.92
CA SER B 68 -9.54 -22.74 21.88
C SER B 68 -9.74 -23.62 23.11
N ARG B 69 -9.49 -23.09 24.32
CA ARG B 69 -9.66 -23.81 25.60
C ARG B 69 -11.00 -23.39 26.24
N LYS B 70 -11.34 -24.02 27.36
CA LYS B 70 -12.49 -23.65 28.23
C LYS B 70 -12.04 -22.50 29.16
N HIS B 71 -13.00 -21.77 29.73
CA HIS B 71 -12.79 -20.69 30.73
C HIS B 71 -12.22 -21.29 32.01
N GLY B 72 -11.27 -20.60 32.64
CA GLY B 72 -10.77 -20.93 33.99
C GLY B 72 -10.36 -19.69 34.74
N GLY B 73 -9.76 -19.90 35.90
CA GLY B 73 -9.07 -18.85 36.65
C GLY B 73 -7.68 -18.65 36.06
N PRO B 74 -7.04 -17.51 36.35
CA PRO B 74 -5.70 -17.26 35.84
C PRO B 74 -4.67 -18.31 36.26
N LYS B 75 -4.87 -19.02 37.37
CA LYS B 75 -3.87 -20.01 37.86
C LYS B 75 -4.13 -21.38 37.21
N ASP B 76 -5.25 -21.58 36.52
CA ASP B 76 -5.54 -22.87 35.83
C ASP B 76 -4.70 -22.97 34.55
N GLU B 77 -4.31 -24.19 34.19
CA GLU B 77 -3.71 -24.53 32.87
C GLU B 77 -4.81 -24.43 31.81
N GLU B 78 -5.97 -25.03 32.08
CA GLU B 78 -7.15 -24.88 31.18
C GLU B 78 -7.80 -23.52 31.48
N ARG B 79 -7.49 -22.54 30.63
CA ARG B 79 -8.08 -21.18 30.67
C ARG B 79 -7.98 -20.55 29.28
N HIS B 80 -8.82 -19.54 29.06
CA HIS B 80 -8.69 -18.60 27.93
C HIS B 80 -7.45 -17.75 28.20
N VAL B 81 -6.74 -17.31 27.18
CA VAL B 81 -5.61 -16.36 27.38
C VAL B 81 -6.14 -15.10 28.10
N GLY B 82 -7.36 -14.66 27.79
CA GLY B 82 -7.96 -13.44 28.39
C GLY B 82 -8.40 -13.57 29.85
N ASP B 83 -8.22 -14.74 30.49
CA ASP B 83 -8.83 -15.02 31.81
C ASP B 83 -7.91 -14.48 32.93
N LEU B 84 -8.18 -13.24 33.37
CA LEU B 84 -7.42 -12.52 34.42
C LEU B 84 -8.19 -12.58 35.75
N GLY B 85 -9.29 -13.34 35.82
CA GLY B 85 -9.95 -13.67 37.08
C GLY B 85 -10.85 -12.55 37.57
N ASN B 86 -10.72 -12.18 38.84
CA ASN B 86 -11.54 -11.13 39.48
C ASN B 86 -10.68 -9.95 39.95
N VAL B 87 -11.29 -8.78 39.96
CA VAL B 87 -10.82 -7.60 40.73
C VAL B 87 -11.82 -7.42 41.87
N THR B 88 -11.38 -6.82 42.96
CA THR B 88 -12.16 -6.62 44.21
C THR B 88 -12.43 -5.12 44.40
N ALA B 89 -13.70 -4.71 44.41
CA ALA B 89 -14.11 -3.33 44.71
C ALA B 89 -14.29 -3.21 46.23
N ASP B 90 -13.67 -2.21 46.85
CA ASP B 90 -13.87 -1.97 48.30
CA ASP B 90 -13.85 -1.89 48.29
C ASP B 90 -15.25 -1.31 48.50
N LYS B 91 -15.61 -0.94 49.72
CA LYS B 91 -16.99 -0.48 50.06
C LYS B 91 -17.29 0.85 49.38
N ASP B 92 -16.26 1.63 49.02
CA ASP B 92 -16.34 2.92 48.29
CA ASP B 92 -16.45 2.93 48.30
C ASP B 92 -16.47 2.69 46.78
N GLY B 93 -16.55 1.42 46.35
CA GLY B 93 -16.72 1.07 44.93
C GLY B 93 -15.45 1.24 44.13
N VAL B 94 -14.29 1.28 44.79
CA VAL B 94 -12.99 1.39 44.08
C VAL B 94 -12.29 0.04 44.18
N ALA B 95 -11.91 -0.51 43.03
CA ALA B 95 -11.01 -1.67 42.91
C ALA B 95 -9.61 -1.15 42.57
N ASP B 96 -8.69 -1.20 43.53
CA ASP B 96 -7.23 -1.21 43.23
C ASP B 96 -6.93 -2.53 42.56
N VAL B 97 -6.29 -2.49 41.40
CA VAL B 97 -5.97 -3.71 40.62
C VAL B 97 -4.46 -3.86 40.67
N SER B 98 -3.99 -5.06 40.99
CA SER B 98 -2.56 -5.40 40.88
C SER B 98 -2.44 -6.90 40.62
N ILE B 99 -2.05 -7.25 39.40
CA ILE B 99 -2.05 -8.65 38.92
C ILE B 99 -0.73 -8.88 38.20
N GLU B 100 -0.20 -10.09 38.30
CA GLU B 100 0.93 -10.56 37.45
C GLU B 100 0.41 -11.75 36.68
N ASP B 101 0.58 -11.78 35.37
CA ASP B 101 0.10 -12.93 34.55
C ASP B 101 1.15 -13.28 33.48
N SER B 102 1.38 -14.58 33.29
CA SER B 102 2.39 -15.10 32.34
C SER B 102 1.71 -15.73 31.11
N VAL B 103 0.38 -15.61 30.97
CA VAL B 103 -0.31 -16.23 29.81
C VAL B 103 -0.62 -15.13 28.77
N ILE B 104 -1.19 -14.00 29.19
CA ILE B 104 -1.31 -12.80 28.33
C ILE B 104 0.12 -12.40 27.96
N SER B 105 0.29 -11.71 26.83
CA SER B 105 1.56 -11.09 26.39
C SER B 105 1.29 -9.74 25.72
N LEU B 106 2.32 -8.89 25.68
CA LEU B 106 2.37 -7.65 24.87
C LEU B 106 3.18 -7.84 23.59
N SER B 107 3.47 -9.10 23.19
CA SER B 107 3.94 -9.47 21.83
C SER B 107 3.47 -10.89 21.45
N GLY B 108 3.60 -11.26 20.17
CA GLY B 108 3.29 -12.62 19.69
C GLY B 108 1.80 -12.89 19.51
N ASP B 109 1.41 -14.15 19.37
CA ASP B 109 0.02 -14.58 19.03
C ASP B 109 -0.89 -14.44 20.26
N HIS B 110 -0.33 -14.39 21.47
CA HIS B 110 -1.05 -14.14 22.76
C HIS B 110 -1.10 -12.64 23.10
N CYS B 111 -0.70 -11.77 22.16
CA CYS B 111 -0.57 -10.32 22.40
C CYS B 111 -1.96 -9.72 22.56
N ILE B 112 -2.15 -8.83 23.53
CA ILE B 112 -3.49 -8.25 23.86
C ILE B 112 -3.59 -6.80 23.37
N ILE B 113 -2.56 -6.26 22.72
CA ILE B 113 -2.60 -4.87 22.16
C ILE B 113 -3.65 -4.84 21.07
N GLY B 114 -4.56 -3.89 21.10
CA GLY B 114 -5.62 -3.80 20.08
C GLY B 114 -6.79 -4.71 20.41
N ARG B 115 -6.77 -5.40 21.55
CA ARG B 115 -7.94 -6.17 22.06
C ARG B 115 -8.60 -5.32 23.14
N THR B 116 -9.66 -5.83 23.77
CA THR B 116 -10.49 -5.04 24.71
C THR B 116 -10.40 -5.64 26.11
N LEU B 117 -10.13 -4.78 27.11
CA LEU B 117 -10.26 -5.16 28.53
C LEU B 117 -11.70 -4.86 28.96
N VAL B 118 -12.35 -5.80 29.65
CA VAL B 118 -13.75 -5.64 30.13
C VAL B 118 -13.78 -5.89 31.64
N VAL B 119 -14.50 -5.05 32.37
CA VAL B 119 -14.83 -5.35 33.79
C VAL B 119 -16.32 -5.68 33.86
N HIS B 120 -16.65 -6.79 34.52
CA HIS B 120 -18.00 -7.40 34.43
C HIS B 120 -18.85 -7.04 35.64
N GLU B 121 -20.15 -7.24 35.47
CA GLU B 121 -21.23 -7.02 36.46
C GLU B 121 -20.98 -7.84 37.72
N LYS B 122 -20.59 -9.10 37.57
CA LYS B 122 -20.59 -10.11 38.67
C LYS B 122 -19.22 -10.76 38.77
N ALA B 123 -19.03 -11.54 39.83
CA ALA B 123 -17.84 -12.39 40.05
C ALA B 123 -17.73 -13.40 38.91
N ASP B 124 -16.50 -13.64 38.47
CA ASP B 124 -16.10 -14.80 37.63
C ASP B 124 -16.05 -16.01 38.56
N ASP B 125 -16.75 -17.08 38.25
CA ASP B 125 -16.76 -18.32 39.07
C ASP B 125 -15.55 -19.18 38.73
N LEU B 126 -14.65 -18.72 37.85
CA LEU B 126 -13.33 -19.36 37.50
C LEU B 126 -13.55 -20.75 36.88
N GLY B 127 -14.69 -20.97 36.23
CA GLY B 127 -15.01 -22.23 35.53
C GLY B 127 -15.51 -23.30 36.47
N LYS B 128 -15.91 -22.94 37.70
CA LYS B 128 -16.28 -23.89 38.78
C LYS B 128 -17.79 -23.86 39.07
N GLY B 129 -18.59 -23.33 38.15
CA GLY B 129 -20.05 -23.18 38.32
C GLY B 129 -20.87 -24.40 37.90
N GLY B 130 -20.29 -25.34 37.16
CA GLY B 130 -20.93 -26.62 36.78
C GLY B 130 -22.01 -26.48 35.72
N ASN B 131 -22.13 -25.32 35.06
CA ASN B 131 -23.02 -25.10 33.89
C ASN B 131 -22.14 -24.72 32.69
N GLU B 132 -22.72 -24.71 31.48
CA GLU B 132 -21.99 -24.40 30.21
CA GLU B 132 -21.94 -24.43 30.24
C GLU B 132 -21.41 -22.98 30.27
N GLU B 133 -22.19 -22.04 30.78
CA GLU B 133 -21.80 -20.61 30.89
C GLU B 133 -20.52 -20.52 31.74
N SER B 134 -20.38 -21.33 32.79
CA SER B 134 -19.18 -21.30 33.66
C SER B 134 -17.91 -21.48 32.80
N THR B 135 -17.94 -22.43 31.86
CA THR B 135 -16.75 -22.82 31.03
C THR B 135 -16.63 -21.95 29.79
N LYS B 136 -17.50 -20.95 29.61
CA LYS B 136 -17.35 -19.91 28.56
C LYS B 136 -17.03 -18.54 29.19
N THR B 137 -17.87 -18.03 30.09
CA THR B 137 -17.81 -16.63 30.58
C THR B 137 -17.54 -16.55 32.10
N GLY B 138 -17.57 -17.67 32.83
CA GLY B 138 -17.45 -17.70 34.30
C GLY B 138 -18.67 -17.12 34.99
N ASN B 139 -19.79 -16.95 34.29
CA ASN B 139 -21.07 -16.43 34.84
C ASN B 139 -20.89 -15.01 35.39
N ALA B 140 -19.97 -14.24 34.80
CA ALA B 140 -19.57 -12.90 35.30
C ALA B 140 -20.57 -11.83 34.84
N GLY B 141 -21.52 -12.21 33.98
CA GLY B 141 -22.64 -11.36 33.55
C GLY B 141 -22.18 -10.23 32.65
N SER B 142 -22.86 -9.07 32.74
CA SER B 142 -22.83 -8.03 31.69
C SER B 142 -21.51 -7.22 31.78
N ARG B 143 -21.22 -6.50 30.71
CA ARG B 143 -19.98 -5.72 30.50
C ARG B 143 -20.24 -4.31 31.01
N LEU B 144 -19.69 -3.95 32.17
CA LEU B 144 -19.91 -2.63 32.81
C LEU B 144 -19.09 -1.55 32.11
N ALA B 145 -17.87 -1.85 31.71
CA ALA B 145 -16.94 -0.89 31.08
C ALA B 145 -15.86 -1.65 30.34
N CYS B 146 -15.34 -1.05 29.28
CA CYS B 146 -14.31 -1.68 28.46
C CYS B 146 -13.44 -0.58 27.84
N GLY B 147 -12.26 -0.98 27.39
CA GLY B 147 -11.36 -0.11 26.62
C GLY B 147 -10.54 -0.94 25.68
N VAL B 148 -10.14 -0.34 24.57
CA VAL B 148 -9.14 -0.92 23.64
C VAL B 148 -7.79 -0.73 24.31
N ILE B 149 -6.95 -1.76 24.25
CA ILE B 149 -5.60 -1.80 24.87
C ILE B 149 -4.60 -1.19 23.88
N GLY B 150 -3.98 -0.08 24.27
CA GLY B 150 -3.14 0.74 23.38
C GLY B 150 -1.76 0.94 23.93
N ILE B 151 -0.82 1.29 23.03
CA ILE B 151 0.60 1.60 23.36
C ILE B 151 0.66 2.92 24.13
N ALA B 152 1.34 2.92 25.28
CA ALA B 152 1.52 4.10 26.15
C ALA B 152 2.95 4.65 25.98
N GLN B 153 3.23 5.85 26.46
CA GLN B 153 4.62 6.35 26.61
C GLN B 153 5.30 5.50 27.70
C ALA C 1 9.07 -17.97 10.83
N THR C 2 8.69 -18.81 9.86
CA THR C 2 7.92 -20.05 10.08
C THR C 2 8.85 -21.25 9.84
N LYS C 3 9.73 -21.19 8.83
CA LYS C 3 10.64 -22.33 8.52
C LYS C 3 12.11 -21.85 8.45
N VAL C 4 12.96 -22.44 9.28
CA VAL C 4 14.40 -22.07 9.32
C VAL C 4 15.21 -23.35 9.25
N VAL C 5 16.49 -23.20 8.92
CA VAL C 5 17.39 -24.33 8.63
C VAL C 5 18.75 -24.00 9.21
N CYS C 6 19.51 -25.04 9.49
CA CYS C 6 20.87 -24.89 10.00
C CYS C 6 21.72 -26.00 9.41
N VAL C 7 22.86 -25.63 8.85
CA VAL C 7 23.83 -26.63 8.34
C VAL C 7 24.97 -26.70 9.33
N LEU C 8 25.12 -27.86 9.98
CA LEU C 8 26.21 -28.12 10.96
C LEU C 8 27.44 -28.54 10.16
N LYS C 9 28.53 -27.82 10.36
CA LYS C 9 29.89 -28.14 9.85
C LYS C 9 30.86 -27.93 10.98
N GLY C 10 31.96 -28.68 10.99
CA GLY C 10 33.05 -28.44 11.95
C GLY C 10 34.40 -28.90 11.42
N ASP C 11 35.36 -29.10 12.34
CA ASP C 11 36.77 -29.43 12.05
C ASP C 11 36.93 -30.90 11.65
N GLY C 12 35.91 -31.74 11.87
CA GLY C 12 36.04 -33.20 11.77
C GLY C 12 35.01 -33.81 10.83
N PRO C 13 34.67 -35.11 10.99
CA PRO C 13 33.72 -35.76 10.10
C PRO C 13 32.26 -35.39 10.38
N VAL C 14 31.97 -34.71 11.49
CA VAL C 14 30.54 -34.48 11.88
C VAL C 14 29.98 -33.36 11.01
N GLN C 15 28.87 -33.64 10.35
CA GLN C 15 28.08 -32.66 9.56
C GLN C 15 26.62 -33.04 9.61
N GLY C 16 25.74 -32.09 9.33
CA GLY C 16 24.31 -32.39 9.25
C GLY C 16 23.47 -31.22 8.84
N ILE C 17 22.18 -31.48 8.72
CA ILE C 17 21.16 -30.48 8.35
C ILE C 17 20.00 -30.62 9.32
N ILE C 18 19.63 -29.53 9.99
CA ILE C 18 18.56 -29.50 10.98
C ILE C 18 17.56 -28.45 10.56
N ASN C 19 16.29 -28.85 10.51
CA ASN C 19 15.13 -27.98 10.18
C ASN C 19 14.42 -27.57 11.46
N PHE C 20 13.90 -26.35 11.48
CA PHE C 20 13.04 -25.84 12.58
C PHE C 20 11.78 -25.24 11.97
N GLU C 21 10.62 -25.55 12.56
CA GLU C 21 9.31 -25.04 12.06
C GLU C 21 8.37 -24.76 13.22
N GLN C 22 7.76 -23.58 13.21
CA GLN C 22 6.87 -23.06 14.29
C GLN C 22 5.63 -22.50 13.60
N LYS C 23 4.43 -22.81 14.13
CA LYS C 23 3.12 -22.36 13.58
C LYS C 23 2.66 -21.10 14.32
N GLU C 24 2.81 -21.04 15.65
CA GLU C 24 2.42 -19.87 16.48
C GLU C 24 3.64 -19.41 17.30
N SER C 25 3.74 -18.11 17.58
CA SER C 25 4.86 -17.44 18.28
C SER C 25 5.12 -18.05 19.67
N ASN C 26 4.07 -18.51 20.35
CA ASN C 26 4.15 -19.23 21.66
C ASN C 26 4.16 -20.75 21.41
N GLY C 27 3.82 -21.17 20.18
CA GLY C 27 3.66 -22.58 19.77
C GLY C 27 4.97 -23.38 19.87
N PRO C 28 4.90 -24.73 19.78
CA PRO C 28 6.09 -25.56 19.83
C PRO C 28 6.89 -25.42 18.51
N VAL C 29 8.21 -25.45 18.63
CA VAL C 29 9.10 -25.57 17.45
C VAL C 29 9.38 -27.06 17.24
N LYS C 30 9.05 -27.55 16.05
CA LYS C 30 9.47 -28.89 15.60
C LYS C 30 10.90 -28.75 15.07
N VAL C 31 11.79 -29.62 15.54
CA VAL C 31 13.22 -29.66 15.16
C VAL C 31 13.47 -31.04 14.57
N TRP C 32 13.94 -31.12 13.32
CA TRP C 32 14.23 -32.44 12.73
C TRP C 32 15.33 -32.33 11.69
N GLY C 33 15.97 -33.47 11.46
CA GLY C 33 17.00 -33.62 10.43
C GLY C 33 17.92 -34.76 10.79
N SER C 34 19.14 -34.69 10.29
CA SER C 34 20.14 -35.79 10.35
C SER C 34 21.50 -35.15 10.62
N ILE C 35 22.26 -35.78 11.51
CA ILE C 35 23.69 -35.47 11.72
C ILE C 35 24.43 -36.81 11.54
N LYS C 36 25.48 -36.84 10.71
CA LYS C 36 26.29 -38.07 10.46
C LYS C 36 27.69 -37.85 11.00
N GLY C 37 28.45 -38.93 11.18
CA GLY C 37 29.88 -38.92 11.56
C GLY C 37 30.08 -38.88 13.06
N LEU C 38 29.01 -39.08 13.84
CA LEU C 38 29.07 -39.02 15.32
C LEU C 38 29.47 -40.40 15.87
N THR C 39 30.05 -40.43 17.06
CA THR C 39 30.15 -41.66 17.88
C THR C 39 28.73 -42.06 18.28
N GLU C 40 28.51 -43.37 18.42
CA GLU C 40 27.24 -43.96 18.88
C GLU C 40 26.87 -43.31 20.21
N GLY C 41 25.58 -43.05 20.44
CA GLY C 41 25.05 -42.63 21.75
C GLY C 41 24.74 -41.14 21.82
N LEU C 42 24.69 -40.60 23.03
CA LEU C 42 24.14 -39.25 23.31
C LEU C 42 25.14 -38.17 22.90
N HIS C 43 24.63 -37.07 22.37
CA HIS C 43 25.41 -35.85 22.07
C HIS C 43 24.60 -34.64 22.50
N GLY C 44 25.23 -33.76 23.28
CA GLY C 44 24.68 -32.45 23.66
C GLY C 44 24.28 -31.68 22.40
N PHE C 45 23.14 -31.02 22.45
CA PHE C 45 22.52 -30.36 21.29
C PHE C 45 21.91 -29.05 21.77
N HIS C 46 22.57 -27.93 21.51
CA HIS C 46 22.21 -26.63 22.10
C HIS C 46 22.18 -25.52 21.07
N VAL C 47 21.31 -24.54 21.30
CA VAL C 47 21.44 -23.19 20.68
C VAL C 47 22.37 -22.36 21.54
N HIS C 48 23.45 -21.88 20.96
CA HIS C 48 24.43 -21.00 21.62
C HIS C 48 24.11 -19.56 21.21
N GLU C 49 24.66 -18.61 21.95
CA GLU C 49 24.20 -17.20 21.96
C GLU C 49 24.49 -16.49 20.63
N PHE C 50 25.68 -16.66 20.04
CA PHE C 50 26.14 -15.77 18.94
C PHE C 50 26.14 -16.55 17.63
N GLY C 51 25.61 -15.93 16.56
CA GLY C 51 25.71 -16.48 15.19
C GLY C 51 27.03 -16.03 14.59
N ASP C 52 28.11 -16.33 15.31
CA ASP C 52 29.48 -15.80 15.05
C ASP C 52 30.40 -17.01 14.89
N ASN C 53 30.84 -17.25 13.66
CA ASN C 53 31.73 -18.40 13.32
C ASN C 53 33.15 -17.87 12.99
N THR C 54 33.53 -16.69 13.49
CA THR C 54 34.84 -16.06 13.15
C THR C 54 36.00 -16.96 13.63
N ALA C 55 35.85 -17.65 14.75
CA ALA C 55 36.87 -18.60 15.25
C ALA C 55 36.24 -19.99 15.36
N GLY C 56 35.54 -20.43 14.31
CA GLY C 56 34.76 -21.68 14.32
C GLY C 56 33.73 -21.66 15.44
N CYS C 57 33.42 -22.85 15.97
CA CYS C 57 32.28 -23.07 16.91
C CYS C 57 32.54 -22.39 18.25
N THR C 58 33.79 -22.08 18.57
CA THR C 58 34.16 -21.38 19.84
C THR C 58 33.50 -20.00 19.91
N SER C 59 33.47 -19.28 18.79
CA SER C 59 32.99 -17.87 18.76
CA SER C 59 32.97 -17.87 18.72
C SER C 59 31.46 -17.81 18.94
N ALA C 60 30.79 -18.96 19.00
CA ALA C 60 29.30 -19.01 19.23
C ALA C 60 28.97 -18.63 20.67
N GLY C 61 29.97 -18.61 21.57
CA GLY C 61 29.76 -18.19 22.96
C GLY C 61 29.03 -19.30 23.73
N PRO C 62 28.40 -18.97 24.87
CA PRO C 62 27.74 -19.96 25.72
C PRO C 62 26.32 -20.30 25.24
N HIS C 63 25.63 -21.18 25.96
CA HIS C 63 24.24 -21.56 25.63
C HIS C 63 23.44 -20.26 25.62
N PHE C 64 22.52 -20.10 24.66
CA PHE C 64 21.62 -18.93 24.58
C PHE C 64 20.79 -18.87 25.85
N ASN C 65 20.90 -17.79 26.62
CA ASN C 65 20.40 -17.75 28.03
C ASN C 65 19.87 -16.36 28.36
N PRO C 66 18.88 -15.84 27.60
CA PRO C 66 18.39 -14.49 27.84
C PRO C 66 17.82 -14.33 29.26
N LEU C 67 17.43 -15.41 29.97
CA LEU C 67 16.83 -15.29 31.34
C LEU C 67 17.88 -15.51 32.44
N SER C 68 19.16 -15.63 32.07
CA SER C 68 20.30 -15.83 33.01
C SER C 68 19.99 -16.96 34.01
N ARG C 69 19.55 -18.11 33.52
CA ARG C 69 19.27 -19.31 34.36
C ARG C 69 20.47 -20.25 34.31
N LYS C 70 20.42 -21.26 35.16
CA LYS C 70 21.36 -22.41 35.16
C LYS C 70 21.00 -23.35 34.00
N HIS C 71 21.98 -24.10 33.54
CA HIS C 71 21.79 -25.18 32.54
C HIS C 71 20.87 -26.26 33.14
N GLY C 72 19.90 -26.75 32.36
CA GLY C 72 19.15 -27.96 32.68
C GLY C 72 18.81 -28.73 31.43
N GLY C 73 17.99 -29.76 31.57
CA GLY C 73 17.40 -30.49 30.43
C GLY C 73 16.21 -29.72 29.88
N PRO C 74 15.79 -29.99 28.64
CA PRO C 74 14.72 -29.25 27.99
C PRO C 74 13.40 -29.34 28.78
N LYS C 75 13.21 -30.40 29.58
CA LYS C 75 11.98 -30.61 30.37
C LYS C 75 12.01 -29.77 31.65
N ASP C 76 13.14 -29.21 32.04
CA ASP C 76 13.26 -28.43 33.29
C ASP C 76 12.75 -26.99 33.09
N GLU C 77 12.18 -26.42 34.14
CA GLU C 77 11.85 -24.97 34.24
C GLU C 77 13.15 -24.18 34.31
N GLU C 78 14.09 -24.64 35.15
CA GLU C 78 15.44 -24.03 35.27
C GLU C 78 16.31 -24.59 34.13
N ARG C 79 16.35 -23.86 33.02
CA ARG C 79 17.18 -24.19 31.83
C ARG C 79 17.54 -22.91 31.10
N HIS C 80 18.61 -22.97 30.32
CA HIS C 80 18.88 -21.97 29.26
C HIS C 80 17.81 -22.13 28.19
N VAL C 81 17.45 -21.06 27.50
CA VAL C 81 16.53 -21.16 26.31
C VAL C 81 17.13 -22.14 25.29
N GLY C 82 18.44 -22.15 25.15
CA GLY C 82 19.18 -22.97 24.17
C GLY C 82 19.31 -24.44 24.56
N ASP C 83 18.71 -24.91 25.65
CA ASP C 83 18.97 -26.27 26.17
C ASP C 83 18.01 -27.27 25.53
N LEU C 84 18.40 -27.93 24.44
CA LEU C 84 17.52 -28.86 23.70
C LEU C 84 17.92 -30.29 24.09
N GLY C 85 18.81 -30.45 25.07
CA GLY C 85 19.14 -31.76 25.63
C GLY C 85 20.11 -32.53 24.75
N ASN C 86 19.80 -33.79 24.46
CA ASN C 86 20.69 -34.70 23.71
C ASN C 86 20.00 -35.11 22.41
N VAL C 87 20.81 -35.44 21.42
CA VAL C 87 20.46 -36.27 20.25
C VAL C 87 21.22 -37.58 20.40
N THR C 88 20.69 -38.66 19.83
CA THR C 88 21.22 -40.03 19.94
C THR C 88 21.64 -40.48 18.55
N ALA C 89 22.93 -40.77 18.37
CA ALA C 89 23.50 -41.35 17.15
C ALA C 89 23.33 -42.87 17.23
N ASP C 90 22.87 -43.49 16.14
CA ASP C 90 22.79 -44.96 16.03
CA ASP C 90 22.77 -44.96 15.96
C ASP C 90 24.21 -45.49 15.77
N LYS C 91 24.35 -46.81 15.66
CA LYS C 91 25.69 -47.45 15.69
C LYS C 91 26.51 -46.90 14.51
N ASP C 92 25.87 -46.74 13.35
CA ASP C 92 26.45 -46.16 12.10
C ASP C 92 26.65 -44.62 12.14
N GLY C 93 26.71 -44.00 13.33
CA GLY C 93 27.07 -42.57 13.50
C GLY C 93 26.01 -41.58 13.05
N VAL C 94 24.78 -41.99 12.85
CA VAL C 94 23.74 -41.07 12.34
C VAL C 94 22.74 -40.78 13.45
N ALA C 95 22.54 -39.50 13.76
CA ALA C 95 21.46 -39.03 14.67
C ALA C 95 20.31 -38.54 13.81
N ASP C 96 19.20 -39.27 13.81
CA ASP C 96 17.93 -38.88 13.17
C ASP C 96 17.15 -38.01 14.15
N VAL C 97 17.37 -36.71 14.10
CA VAL C 97 16.91 -35.77 15.15
C VAL C 97 15.42 -35.58 14.99
N SER C 98 14.69 -35.69 16.10
CA SER C 98 13.27 -35.31 16.17
C SER C 98 12.98 -34.79 17.57
N ILE C 99 12.78 -33.49 17.69
CA ILE C 99 12.54 -32.81 18.99
C ILE C 99 11.35 -31.87 18.81
N GLU C 100 10.57 -31.67 19.87
CA GLU C 100 9.62 -30.51 19.96
C GLU C 100 9.98 -29.71 21.20
N ASP C 101 10.06 -28.40 21.05
CA ASP C 101 10.39 -27.53 22.20
C ASP C 101 9.50 -26.28 22.16
N SER C 102 9.06 -25.84 23.33
CA SER C 102 8.17 -24.66 23.53
CA SER C 102 8.19 -24.63 23.47
C SER C 102 8.95 -23.50 24.16
N VAL C 103 10.25 -23.66 24.43
CA VAL C 103 11.05 -22.60 25.09
C VAL C 103 11.85 -21.84 24.00
N ILE C 104 12.48 -22.54 23.05
CA ILE C 104 13.03 -21.85 21.85
C ILE C 104 11.82 -21.31 21.08
N SER C 105 12.04 -20.27 20.29
CA SER C 105 11.03 -19.72 19.36
C SER C 105 11.72 -19.28 18.07
N LEU C 106 10.92 -19.13 17.02
CA LEU C 106 11.34 -18.43 15.79
C LEU C 106 10.83 -16.98 15.78
N SER C 107 10.48 -16.41 16.94
CA SER C 107 10.06 -14.99 17.07
CA SER C 107 10.09 -14.98 17.08
C SER C 107 10.32 -14.50 18.52
N GLY C 108 10.45 -13.18 18.70
CA GLY C 108 10.61 -12.54 20.02
C GLY C 108 12.00 -12.66 20.64
N ASP C 109 12.08 -12.46 21.95
CA ASP C 109 13.34 -12.42 22.76
C ASP C 109 13.98 -13.80 22.85
N HIS C 110 13.19 -14.88 22.68
CA HIS C 110 13.65 -16.30 22.70
C HIS C 110 13.92 -16.78 21.26
N CYS C 111 13.91 -15.86 20.28
CA CYS C 111 14.12 -16.23 18.86
C CYS C 111 15.56 -16.74 18.65
N ILE C 112 15.71 -17.82 17.90
CA ILE C 112 17.01 -18.51 17.69
C ILE C 112 17.56 -18.23 16.28
N ILE C 113 16.81 -17.50 15.44
CA ILE C 113 17.30 -17.06 14.09
C ILE C 113 18.51 -16.17 14.27
N GLY C 114 19.61 -16.51 13.60
CA GLY C 114 20.87 -15.75 13.65
C GLY C 114 21.71 -16.14 14.85
N ARG C 115 21.28 -17.13 15.63
CA ARG C 115 22.14 -17.76 16.67
C ARG C 115 22.72 -19.07 16.08
N THR C 116 23.43 -19.85 16.88
CA THR C 116 24.21 -21.00 16.40
C THR C 116 23.67 -22.26 17.08
N LEU C 117 23.38 -23.28 16.30
CA LEU C 117 23.10 -24.65 16.78
C LEU C 117 24.44 -25.40 16.87
N VAL C 118 24.71 -26.04 18.00
CA VAL C 118 25.98 -26.82 18.19
C VAL C 118 25.63 -28.26 18.57
N VAL C 119 26.30 -29.23 17.93
CA VAL C 119 26.32 -30.66 18.39
C VAL C 119 27.66 -30.93 19.07
N HIS C 120 27.61 -31.48 20.28
CA HIS C 120 28.74 -31.61 21.22
C HIS C 120 29.32 -33.04 21.21
N GLU C 121 30.51 -33.19 21.75
CA GLU C 121 31.33 -34.45 21.71
CA GLU C 121 31.27 -34.46 21.62
C GLU C 121 30.67 -35.55 22.53
N LYS C 122 30.10 -35.17 23.68
CA LYS C 122 29.60 -36.06 24.77
C LYS C 122 28.14 -35.75 25.13
N ALA C 123 27.57 -36.59 26.00
CA ALA C 123 26.21 -36.40 26.56
C ALA C 123 26.17 -35.09 27.35
N ASP C 124 25.06 -34.38 27.21
CA ASP C 124 24.59 -33.37 28.16
C ASP C 124 24.08 -34.12 29.40
N ASP C 125 24.62 -33.83 30.58
CA ASP C 125 24.20 -34.47 31.84
C ASP C 125 22.95 -33.76 32.40
N LEU C 126 22.41 -32.79 31.66
CA LEU C 126 21.11 -32.10 31.94
C LEU C 126 21.20 -31.35 33.28
N GLY C 127 22.40 -30.98 33.69
CA GLY C 127 22.63 -30.20 34.92
C GLY C 127 22.64 -31.08 36.17
N LYS C 128 22.79 -32.40 36.03
CA LYS C 128 22.68 -33.36 37.17
CA LYS C 128 22.68 -33.34 37.18
C LYS C 128 24.06 -33.94 37.51
N GLY C 129 25.14 -33.26 37.12
CA GLY C 129 26.51 -33.78 37.26
C GLY C 129 27.17 -33.43 38.60
N GLY C 130 26.61 -32.47 39.34
CA GLY C 130 27.11 -32.09 40.67
C GLY C 130 28.39 -31.27 40.62
N ASN C 131 28.69 -30.63 39.48
CA ASN C 131 29.86 -29.70 39.36
C ASN C 131 29.40 -28.40 38.69
N GLU C 132 30.29 -27.40 38.70
CA GLU C 132 29.97 -26.07 38.12
C GLU C 132 29.76 -26.25 36.61
N GLU C 133 30.53 -27.13 35.99
CA GLU C 133 30.45 -27.36 34.53
C GLU C 133 29.04 -27.89 34.20
N SER C 134 28.45 -28.72 35.08
CA SER C 134 27.13 -29.35 34.85
C SER C 134 26.06 -28.28 34.71
N THR C 135 26.07 -27.26 35.56
CA THR C 135 25.01 -26.22 35.58
C THR C 135 25.40 -25.05 34.67
N LYS C 136 26.45 -25.19 33.86
CA LYS C 136 26.77 -24.22 32.77
C LYS C 136 26.60 -24.89 31.39
N THR C 137 27.30 -26.00 31.14
CA THR C 137 27.41 -26.63 29.81
C THR C 137 26.81 -28.03 29.78
N GLY C 138 26.47 -28.63 30.94
CA GLY C 138 26.01 -30.03 30.98
C GLY C 138 27.15 -31.03 30.81
N ASN C 139 28.41 -30.59 30.82
CA ASN C 139 29.62 -31.43 30.58
C ASN C 139 29.54 -32.11 29.21
N ALA C 140 28.98 -31.44 28.19
CA ALA C 140 28.77 -32.06 26.86
C ALA C 140 30.07 -32.00 26.05
N GLY C 141 31.09 -31.36 26.59
CA GLY C 141 32.44 -31.37 26.01
C GLY C 141 32.48 -30.48 24.77
N SER C 142 33.33 -30.83 23.83
CA SER C 142 33.79 -29.93 22.75
C SER C 142 32.69 -29.78 21.70
N ARG C 143 32.85 -28.82 20.80
CA ARG C 143 31.84 -28.47 19.78
C ARG C 143 32.26 -29.16 18.49
N LEU C 144 31.59 -30.26 18.16
CA LEU C 144 31.95 -31.06 16.97
C LEU C 144 31.56 -30.33 15.69
N ALA C 145 30.34 -29.78 15.62
CA ALA C 145 29.86 -29.06 14.44
C ALA C 145 28.82 -28.04 14.86
N CYS C 146 28.71 -26.98 14.06
CA CYS C 146 27.79 -25.87 14.32
C CYS C 146 27.39 -25.18 13.01
N GLY C 147 26.35 -24.38 13.08
CA GLY C 147 25.90 -23.52 11.98
C GLY C 147 25.06 -22.39 12.52
N VAL C 148 25.01 -21.28 11.78
CA VAL C 148 24.10 -20.16 12.05
C VAL C 148 22.72 -20.59 11.56
N ILE C 149 21.71 -20.28 12.35
CA ILE C 149 20.30 -20.64 12.08
C ILE C 149 19.71 -19.55 11.17
N GLY C 150 19.23 -19.96 10.00
CA GLY C 150 18.83 -19.01 8.95
C GLY C 150 17.45 -19.30 8.43
N ILE C 151 16.89 -18.32 7.73
CA ILE C 151 15.52 -18.37 7.15
C ILE C 151 15.56 -19.31 5.94
N ALA C 152 14.64 -20.28 5.92
CA ALA C 152 14.55 -21.32 4.86
C ALA C 152 13.40 -20.98 3.90
N GLN C 153 13.46 -21.55 2.69
CA GLN C 153 12.34 -21.59 1.72
C GLN C 153 11.13 -22.26 2.39
C ALA D 1 23.13 -2.56 18.82
N THR D 2 22.45 -2.90 17.74
CA THR D 2 22.47 -4.25 17.10
C THR D 2 23.80 -4.44 16.36
N LYS D 3 24.56 -5.45 16.77
CA LYS D 3 25.82 -5.89 16.12
C LYS D 3 25.63 -7.30 15.53
N VAL D 4 25.97 -7.43 14.25
CA VAL D 4 25.74 -8.66 13.45
C VAL D 4 27.05 -8.95 12.71
N VAL D 5 27.25 -10.21 12.34
CA VAL D 5 28.52 -10.64 11.73
C VAL D 5 28.19 -11.74 10.73
N CYS D 6 29.01 -11.86 9.71
CA CYS D 6 28.85 -12.88 8.66
C CYS D 6 30.23 -13.37 8.25
N VAL D 7 30.44 -14.67 8.32
CA VAL D 7 31.71 -15.32 7.89
C VAL D 7 31.47 -15.92 6.51
N LEU D 8 32.14 -15.38 5.50
CA LEU D 8 31.99 -15.80 4.08
C LEU D 8 32.91 -16.99 3.86
N LYS D 9 32.36 -18.12 3.42
CA LYS D 9 33.15 -19.32 3.10
C LYS D 9 32.67 -19.86 1.75
N GLY D 10 33.55 -20.52 1.00
CA GLY D 10 33.14 -21.33 -0.15
C GLY D 10 34.16 -22.40 -0.51
N ASP D 11 34.09 -22.92 -1.72
CA ASP D 11 34.87 -24.10 -2.20
C ASP D 11 36.31 -23.66 -2.52
N GLY D 12 36.52 -22.34 -2.73
CA GLY D 12 37.77 -21.79 -3.27
C GLY D 12 38.61 -21.08 -2.20
N PRO D 13 39.49 -20.15 -2.59
CA PRO D 13 40.33 -19.43 -1.64
C PRO D 13 39.66 -18.17 -1.06
N VAL D 14 38.44 -17.85 -1.50
CA VAL D 14 37.70 -16.64 -1.05
C VAL D 14 37.10 -16.90 0.34
N GLN D 15 37.49 -16.07 1.29
CA GLN D 15 36.91 -16.09 2.64
C GLN D 15 36.95 -14.68 3.23
N GLY D 16 36.09 -14.39 4.20
CA GLY D 16 36.09 -13.06 4.80
C GLY D 16 35.16 -12.99 5.97
N ILE D 17 35.22 -11.85 6.63
CA ILE D 17 34.41 -11.54 7.83
C ILE D 17 33.82 -10.15 7.59
N ILE D 18 32.49 -10.07 7.59
CA ILE D 18 31.76 -8.79 7.41
C ILE D 18 30.93 -8.55 8.66
N ASN D 19 31.12 -7.36 9.22
CA ASN D 19 30.42 -6.81 10.41
C ASN D 19 29.29 -5.92 9.92
N PHE D 20 28.17 -5.93 10.65
CA PHE D 20 27.03 -5.01 10.42
C PHE D 20 26.66 -4.41 11.77
N GLU D 21 26.43 -3.09 11.82
CA GLU D 21 26.03 -2.38 13.07
C GLU D 21 25.00 -1.30 12.73
N GLN D 22 23.95 -1.19 13.55
CA GLN D 22 22.79 -0.29 13.35
C GLN D 22 22.46 0.35 14.70
N LYS D 23 22.78 1.64 14.86
CA LYS D 23 22.64 2.40 16.14
C LYS D 23 21.16 2.52 16.52
N GLU D 24 20.28 2.76 15.54
CA GLU D 24 18.83 3.06 15.75
C GLU D 24 18.04 2.15 14.81
N SER D 25 16.87 1.69 15.25
CA SER D 25 16.12 0.54 14.65
C SER D 25 15.64 0.87 13.23
N ASN D 26 15.50 2.15 12.89
CA ASN D 26 15.03 2.61 11.54
C ASN D 26 16.20 3.25 10.79
N GLY D 27 17.41 3.28 11.38
CA GLY D 27 18.56 4.05 10.91
C GLY D 27 19.43 3.29 9.91
N PRO D 28 20.55 3.92 9.45
CA PRO D 28 21.47 3.27 8.50
C PRO D 28 22.26 2.12 9.13
N VAL D 29 22.58 1.12 8.32
CA VAL D 29 23.48 0.00 8.69
C VAL D 29 24.89 0.30 8.17
N LYS D 30 25.88 0.32 9.06
CA LYS D 30 27.32 0.30 8.68
C LYS D 30 27.73 -1.16 8.42
N VAL D 31 28.30 -1.41 7.25
CA VAL D 31 28.78 -2.74 6.83
C VAL D 31 30.29 -2.59 6.64
N TRP D 32 31.11 -3.36 7.35
CA TRP D 32 32.57 -3.25 7.17
C TRP D 32 33.28 -4.57 7.46
N GLY D 33 34.43 -4.75 6.84
CA GLY D 33 35.28 -5.91 7.11
C GLY D 33 36.24 -6.10 5.98
N SER D 34 36.63 -7.34 5.75
CA SER D 34 37.66 -7.73 4.78
C SER D 34 37.24 -9.03 4.10
N ILE D 35 37.59 -9.17 2.83
CA ILE D 35 37.43 -10.43 2.07
C ILE D 35 38.76 -10.66 1.35
N LYS D 36 39.25 -11.90 1.31
CA LYS D 36 40.52 -12.23 0.62
C LYS D 36 40.26 -13.30 -0.44
N GLY D 37 41.26 -13.55 -1.31
CA GLY D 37 41.21 -14.58 -2.37
C GLY D 37 40.54 -14.10 -3.65
N LEU D 38 40.36 -12.79 -3.81
CA LEU D 38 39.56 -12.21 -4.92
C LEU D 38 40.48 -11.70 -6.05
N THR D 39 40.02 -11.80 -7.30
CA THR D 39 40.56 -11.08 -8.48
C THR D 39 40.43 -9.58 -8.26
N GLU D 40 41.48 -8.82 -8.60
CA GLU D 40 41.52 -7.34 -8.49
C GLU D 40 40.25 -6.79 -9.13
N GLY D 41 39.65 -5.76 -8.54
CA GLY D 41 38.50 -5.04 -9.12
C GLY D 41 37.18 -5.36 -8.45
N LEU D 42 36.08 -5.12 -9.16
CA LEU D 42 34.72 -5.13 -8.58
C LEU D 42 34.20 -6.58 -8.44
N HIS D 43 33.54 -6.85 -7.32
CA HIS D 43 32.78 -8.11 -7.11
C HIS D 43 31.40 -7.76 -6.57
N GLY D 44 30.37 -8.36 -7.18
CA GLY D 44 29.00 -8.26 -6.69
C GLY D 44 28.95 -8.66 -5.23
N PHE D 45 28.17 -7.92 -4.45
CA PHE D 45 28.06 -8.05 -2.99
C PHE D 45 26.60 -7.85 -2.60
N HIS D 46 25.93 -8.95 -2.23
CA HIS D 46 24.46 -9.01 -2.08
C HIS D 46 24.03 -9.81 -0.85
N VAL D 47 22.93 -9.39 -0.24
CA VAL D 47 22.15 -10.21 0.71
C VAL D 47 21.16 -11.02 -0.11
N HIS D 48 21.27 -12.35 -0.07
CA HIS D 48 20.35 -13.29 -0.75
C HIS D 48 19.26 -13.68 0.25
N GLU D 49 18.14 -14.20 -0.26
CA GLU D 49 16.86 -14.33 0.50
C GLU D 49 16.99 -15.31 1.67
N PHE D 50 17.58 -16.47 1.45
CA PHE D 50 17.56 -17.63 2.37
C PHE D 50 18.91 -17.80 3.09
N GLY D 51 18.87 -17.99 4.40
CA GLY D 51 20.02 -18.42 5.21
C GLY D 51 20.17 -19.92 5.14
N ASP D 52 20.25 -20.46 3.92
CA ASP D 52 20.17 -21.90 3.66
C ASP D 52 21.41 -22.30 2.88
N ASN D 53 22.29 -23.04 3.52
CA ASN D 53 23.58 -23.48 2.92
C ASN D 53 23.53 -25.00 2.64
N THR D 54 22.35 -25.60 2.52
CA THR D 54 22.22 -27.08 2.39
C THR D 54 22.95 -27.55 1.12
N ALA D 55 22.89 -26.82 0.00
CA ALA D 55 23.68 -27.12 -1.23
C ALA D 55 24.70 -26.01 -1.52
N GLY D 56 25.46 -25.60 -0.50
CA GLY D 56 26.40 -24.47 -0.62
C GLY D 56 25.69 -23.15 -0.91
N CYS D 57 26.38 -22.23 -1.58
CA CYS D 57 25.87 -20.84 -1.77
C CYS D 57 24.67 -20.84 -2.71
N THR D 58 24.47 -21.89 -3.52
CA THR D 58 23.30 -21.98 -4.43
C THR D 58 21.98 -21.93 -3.66
N SER D 59 21.89 -22.57 -2.49
CA SER D 59 20.61 -22.72 -1.76
CA SER D 59 20.63 -22.73 -1.72
C SER D 59 20.19 -21.38 -1.12
N ALA D 60 21.02 -20.35 -1.19
CA ALA D 60 20.68 -18.98 -0.68
C ALA D 60 19.57 -18.32 -1.52
N GLY D 61 19.29 -18.90 -2.71
CA GLY D 61 18.26 -18.39 -3.63
C GLY D 61 18.68 -17.04 -4.22
N PRO D 62 17.71 -16.18 -4.60
CA PRO D 62 18.01 -14.94 -5.32
C PRO D 62 18.30 -13.78 -4.37
N HIS D 63 18.60 -12.60 -4.89
CA HIS D 63 18.82 -11.38 -4.08
C HIS D 63 17.57 -11.18 -3.22
N PHE D 64 17.75 -10.79 -1.94
CA PHE D 64 16.65 -10.50 -1.00
C PHE D 64 15.81 -9.35 -1.57
N ASN D 65 14.54 -9.62 -1.84
CA ASN D 65 13.66 -8.78 -2.68
CA ASN D 65 13.67 -8.71 -2.63
C ASN D 65 12.24 -8.78 -2.11
N PRO D 66 12.01 -8.28 -0.87
CA PRO D 66 10.68 -8.31 -0.26
C PRO D 66 9.64 -7.40 -0.95
N LEU D 67 10.08 -6.39 -1.71
CA LEU D 67 9.21 -5.44 -2.46
C LEU D 67 9.11 -5.84 -3.94
N SER D 68 9.52 -7.06 -4.29
CA SER D 68 9.45 -7.64 -5.66
C SER D 68 9.82 -6.58 -6.72
N ARG D 69 11.08 -6.11 -6.73
CA ARG D 69 11.59 -5.14 -7.74
C ARG D 69 12.66 -5.79 -8.62
N LYS D 70 13.19 -5.00 -9.56
CA LYS D 70 14.30 -5.42 -10.45
C LYS D 70 15.62 -5.05 -9.75
N HIS D 71 16.69 -5.70 -10.19
CA HIS D 71 18.07 -5.51 -9.64
C HIS D 71 18.55 -4.10 -9.98
N GLY D 72 19.21 -3.43 -9.04
CA GLY D 72 19.97 -2.21 -9.33
C GLY D 72 21.22 -2.10 -8.48
N GLY D 73 21.86 -0.93 -8.52
CA GLY D 73 22.89 -0.52 -7.57
C GLY D 73 22.21 -0.01 -6.31
N PRO D 74 22.91 0.00 -5.16
CA PRO D 74 22.32 0.44 -3.90
C PRO D 74 21.69 1.85 -3.93
N LYS D 75 22.15 2.72 -4.83
CA LYS D 75 21.69 4.14 -4.87
C LYS D 75 20.45 4.28 -5.78
N ASP D 76 20.10 3.25 -6.56
CA ASP D 76 18.89 3.23 -7.44
C ASP D 76 17.66 3.03 -6.55
N GLU D 77 16.55 3.71 -6.85
CA GLU D 77 15.24 3.55 -6.15
C GLU D 77 14.72 2.16 -6.55
N GLU D 78 14.89 1.80 -7.83
CA GLU D 78 14.55 0.41 -8.31
CA GLU D 78 14.58 0.46 -8.34
C GLU D 78 15.75 -0.48 -8.03
N ARG D 79 15.66 -1.24 -6.94
CA ARG D 79 16.68 -2.21 -6.49
C ARG D 79 16.05 -3.25 -5.59
N HIS D 80 16.70 -4.41 -5.46
CA HIS D 80 16.41 -5.42 -4.42
C HIS D 80 16.93 -4.88 -3.10
N VAL D 81 16.27 -5.18 -1.98
CA VAL D 81 16.77 -4.79 -0.62
C VAL D 81 18.22 -5.30 -0.45
N GLY D 82 18.55 -6.45 -1.00
CA GLY D 82 19.88 -7.08 -0.82
C GLY D 82 20.94 -6.55 -1.78
N ASP D 83 20.62 -5.54 -2.62
CA ASP D 83 21.55 -5.00 -3.64
C ASP D 83 22.50 -4.01 -2.97
N LEU D 84 23.67 -4.46 -2.53
CA LEU D 84 24.66 -3.61 -1.81
C LEU D 84 25.77 -3.24 -2.81
N GLY D 85 25.59 -3.58 -4.09
CA GLY D 85 26.46 -3.13 -5.18
C GLY D 85 27.71 -3.98 -5.29
N ASN D 86 28.86 -3.32 -5.22
CA ASN D 86 30.17 -3.98 -5.45
C ASN D 86 31.09 -3.67 -4.28
N VAL D 87 32.03 -4.58 -4.07
CA VAL D 87 33.24 -4.34 -3.25
C VAL D 87 34.42 -4.41 -4.22
N THR D 88 35.56 -3.85 -3.84
CA THR D 88 36.75 -3.68 -4.69
C THR D 88 37.93 -4.41 -4.03
N ALA D 89 38.50 -5.38 -4.75
CA ALA D 89 39.69 -6.12 -4.29
C ALA D 89 40.94 -5.45 -4.90
N ASP D 90 42.01 -5.40 -4.11
CA ASP D 90 43.35 -4.89 -4.49
C ASP D 90 44.09 -6.02 -5.23
N LYS D 91 45.35 -5.78 -5.57
CA LYS D 91 46.20 -6.71 -6.37
C LYS D 91 46.59 -7.92 -5.50
N ASP D 92 46.51 -7.81 -4.17
CA ASP D 92 46.77 -8.92 -3.21
C ASP D 92 45.51 -9.77 -2.97
N GLY D 93 44.41 -9.43 -3.65
CA GLY D 93 43.14 -10.18 -3.59
C GLY D 93 42.29 -9.79 -2.39
N VAL D 94 42.62 -8.69 -1.72
CA VAL D 94 41.91 -8.25 -0.48
C VAL D 94 40.94 -7.11 -0.80
N ALA D 95 39.68 -7.31 -0.44
CA ALA D 95 38.62 -6.28 -0.47
C ALA D 95 38.44 -5.76 0.95
N ASP D 96 38.83 -4.51 1.14
CA ASP D 96 38.52 -3.75 2.37
CA ASP D 96 38.56 -3.68 2.32
C ASP D 96 37.14 -3.12 2.15
N VAL D 97 36.17 -3.57 2.94
CA VAL D 97 34.72 -3.25 2.72
C VAL D 97 34.30 -2.19 3.74
N SER D 98 33.67 -1.12 3.27
CA SER D 98 32.99 -0.13 4.13
CA SER D 98 33.05 -0.06 4.11
C SER D 98 31.83 0.48 3.36
N ILE D 99 30.62 0.08 3.76
CA ILE D 99 29.36 0.49 3.10
C ILE D 99 28.45 1.04 4.19
N GLU D 100 27.63 2.01 3.82
CA GLU D 100 26.48 2.51 4.61
C GLU D 100 25.24 2.38 3.73
N ASP D 101 24.24 1.64 4.20
CA ASP D 101 22.99 1.42 3.45
C ASP D 101 21.81 1.64 4.41
N SER D 102 20.74 2.23 3.90
CA SER D 102 19.50 2.51 4.66
C SER D 102 18.31 1.68 4.16
N VAL D 103 18.49 0.86 3.12
CA VAL D 103 17.41 -0.06 2.64
C VAL D 103 17.47 -1.37 3.45
N ILE D 104 18.64 -1.94 3.68
CA ILE D 104 18.78 -3.13 4.58
C ILE D 104 18.58 -2.62 6.01
N SER D 105 18.14 -3.49 6.93
CA SER D 105 18.05 -3.17 8.38
C SER D 105 18.51 -4.39 9.19
N LEU D 106 18.81 -4.20 10.47
CA LEU D 106 19.05 -5.30 11.45
C LEU D 106 17.84 -5.48 12.38
N SER D 107 16.67 -4.95 12.00
CA SER D 107 15.38 -5.16 12.71
C SER D 107 14.22 -4.75 11.78
N GLY D 108 13.01 -5.24 12.06
CA GLY D 108 11.81 -4.87 11.30
C GLY D 108 11.74 -5.63 9.97
N ASP D 109 11.07 -4.98 9.01
N ASP D 109 10.93 -5.19 9.00
CA ASP D 109 10.56 -5.57 7.74
CA ASP D 109 11.05 -5.83 7.67
C ASP D 109 11.72 -5.97 6.82
C ASP D 109 12.30 -5.22 7.03
N HIS D 110 12.78 -5.16 6.78
N HIS D 110 12.82 -5.86 5.99
CA HIS D 110 13.89 -5.28 5.80
CA HIS D 110 14.15 -5.54 5.45
C HIS D 110 15.09 -5.99 6.44
C HIS D 110 15.21 -6.00 6.46
N CYS D 111 14.84 -6.72 7.53
CA CYS D 111 15.85 -7.33 8.42
C CYS D 111 16.60 -8.39 7.64
N ILE D 112 17.92 -8.37 7.71
CA ILE D 112 18.79 -9.33 6.95
C ILE D 112 19.40 -10.37 7.92
N ILE D 113 19.07 -10.35 9.21
CA ILE D 113 19.56 -11.37 10.17
C ILE D 113 18.94 -12.71 9.75
N GLY D 114 19.75 -13.75 9.60
CA GLY D 114 19.27 -15.07 9.18
C GLY D 114 19.12 -15.19 7.67
N ARG D 115 19.58 -14.21 6.90
CA ARG D 115 19.66 -14.34 5.42
C ARG D 115 21.14 -14.55 5.10
N THR D 116 21.53 -14.56 3.82
CA THR D 116 22.89 -14.95 3.37
C THR D 116 23.59 -13.77 2.69
N LEU D 117 24.82 -13.46 3.09
CA LEU D 117 25.66 -12.50 2.34
C LEU D 117 26.47 -13.32 1.35
N VAL D 118 26.56 -12.87 0.09
CA VAL D 118 27.30 -13.56 -1.01
C VAL D 118 28.26 -12.55 -1.64
N VAL D 119 29.51 -12.96 -1.83
CA VAL D 119 30.47 -12.23 -2.69
C VAL D 119 30.58 -13.03 -4.00
N HIS D 120 30.45 -12.34 -5.14
CA HIS D 120 30.33 -12.94 -6.49
C HIS D 120 31.64 -12.88 -7.25
N GLU D 121 31.71 -13.74 -8.27
CA GLU D 121 32.84 -13.93 -9.23
C GLU D 121 33.23 -12.62 -9.92
N LYS D 122 32.24 -11.83 -10.34
CA LYS D 122 32.41 -10.72 -11.31
C LYS D 122 31.75 -9.46 -10.77
N ALA D 123 32.00 -8.31 -11.41
CA ALA D 123 31.33 -7.05 -11.09
C ALA D 123 29.84 -7.27 -11.25
N ASP D 124 29.08 -6.63 -10.35
CA ASP D 124 27.64 -6.35 -10.51
C ASP D 124 27.53 -5.20 -11.52
N ASP D 125 26.88 -5.41 -12.66
CA ASP D 125 26.74 -4.36 -13.71
C ASP D 125 25.65 -3.36 -13.31
N LEU D 126 25.04 -3.54 -12.12
CA LEU D 126 24.06 -2.60 -11.50
C LEU D 126 22.78 -2.48 -12.35
N GLY D 127 22.51 -3.43 -13.25
CA GLY D 127 21.26 -3.43 -14.07
C GLY D 127 21.44 -2.79 -15.45
N LYS D 128 22.70 -2.51 -15.85
CA LYS D 128 23.05 -1.68 -17.03
C LYS D 128 23.72 -2.54 -18.13
N GLY D 129 23.54 -3.87 -18.09
CA GLY D 129 24.21 -4.80 -19.02
C GLY D 129 23.37 -5.15 -20.25
N GLY D 130 22.09 -4.77 -20.29
CA GLY D 130 21.26 -4.91 -21.50
C GLY D 130 20.86 -6.35 -21.80
N ASN D 131 20.74 -7.19 -20.76
CA ASN D 131 20.19 -8.58 -20.87
C ASN D 131 19.32 -8.88 -19.65
N GLU D 132 18.64 -10.01 -19.67
CA GLU D 132 17.66 -10.37 -18.61
C GLU D 132 18.43 -10.59 -17.30
N GLU D 133 19.62 -11.17 -17.38
CA GLU D 133 20.43 -11.47 -16.17
C GLU D 133 20.83 -10.14 -15.54
N SER D 134 20.98 -9.07 -16.32
CA SER D 134 21.41 -7.75 -15.78
C SER D 134 20.38 -7.30 -14.75
N THR D 135 19.10 -7.48 -15.05
CA THR D 135 17.96 -6.98 -14.25
C THR D 135 17.59 -7.98 -13.14
N LYS D 136 18.30 -9.11 -13.00
CA LYS D 136 18.13 -10.11 -11.91
C LYS D 136 19.38 -10.19 -11.02
N THR D 137 20.52 -10.55 -11.62
CA THR D 137 21.79 -10.88 -10.93
C THR D 137 22.85 -9.80 -11.14
N GLY D 138 22.65 -8.86 -12.07
CA GLY D 138 23.69 -7.90 -12.49
C GLY D 138 24.85 -8.61 -13.14
N ASN D 139 24.66 -9.85 -13.60
CA ASN D 139 25.74 -10.63 -14.28
C ASN D 139 26.99 -10.75 -13.39
N ALA D 140 26.82 -10.81 -12.06
CA ALA D 140 27.96 -10.92 -11.11
C ALA D 140 28.52 -12.34 -11.11
N GLY D 141 27.82 -13.29 -11.76
CA GLY D 141 28.34 -14.64 -12.01
C GLY D 141 28.32 -15.50 -10.75
N SER D 142 29.32 -16.38 -10.62
CA SER D 142 29.42 -17.46 -9.60
CA SER D 142 29.45 -17.47 -9.61
C SER D 142 29.45 -16.90 -8.18
N ARG D 143 28.93 -17.67 -7.24
CA ARG D 143 28.93 -17.36 -5.80
C ARG D 143 30.24 -17.90 -5.20
N LEU D 144 31.22 -17.03 -4.98
CA LEU D 144 32.57 -17.48 -4.56
C LEU D 144 32.54 -17.83 -3.08
N ALA D 145 31.80 -17.07 -2.27
CA ALA D 145 31.72 -17.35 -0.82
C ALA D 145 30.46 -16.70 -0.26
N CYS D 146 29.94 -17.31 0.81
CA CYS D 146 28.70 -16.84 1.46
C CYS D 146 28.69 -17.27 2.92
N GLY D 147 27.80 -16.68 3.69
CA GLY D 147 27.55 -17.04 5.09
C GLY D 147 26.19 -16.53 5.51
N VAL D 148 25.63 -17.16 6.53
CA VAL D 148 24.35 -16.69 7.13
C VAL D 148 24.71 -15.54 8.06
N ILE D 149 23.88 -14.52 8.09
CA ILE D 149 24.12 -13.28 8.87
C ILE D 149 23.61 -13.55 10.27
N GLY D 150 24.50 -13.39 11.27
CA GLY D 150 24.22 -13.87 12.64
C GLY D 150 24.45 -12.80 13.67
N ILE D 151 23.90 -12.99 14.86
CA ILE D 151 24.03 -12.04 16.00
C ILE D 151 25.45 -12.18 16.55
N ALA D 152 26.15 -11.05 16.70
CA ALA D 152 27.51 -10.95 17.27
C ALA D 152 27.41 -10.43 18.72
N GLN D 153 28.48 -10.55 19.49
CA GLN D 153 28.63 -9.86 20.80
C GLN D 153 28.58 -8.34 20.55
N ALA E 1 2.84 22.42 -34.45
CA ALA E 1 2.34 21.89 -35.76
C ALA E 1 0.85 21.55 -35.65
N THR E 2 0.49 20.52 -34.88
CA THR E 2 -0.92 20.08 -34.64
C THR E 2 -1.63 21.14 -33.78
N LYS E 3 -2.63 21.80 -34.35
CA LYS E 3 -3.44 22.84 -33.67
C LYS E 3 -4.87 22.30 -33.56
N VAL E 4 -5.43 22.35 -32.36
CA VAL E 4 -6.83 21.89 -32.14
C VAL E 4 -7.50 22.92 -31.26
N VAL E 5 -8.82 22.85 -31.18
CA VAL E 5 -9.62 23.91 -30.54
C VAL E 5 -10.83 23.24 -29.93
N CYS E 6 -11.38 23.87 -28.90
CA CYS E 6 -12.55 23.37 -28.17
C CYS E 6 -13.38 24.57 -27.79
N VAL E 7 -14.66 24.56 -28.15
CA VAL E 7 -15.61 25.63 -27.77
C VAL E 7 -16.43 25.08 -26.60
N LEU E 8 -16.25 25.65 -25.41
CA LEU E 8 -17.02 25.25 -24.20
C LEU E 8 -18.38 25.94 -24.21
N LYS E 9 -19.44 25.14 -24.25
CA LYS E 9 -20.84 25.58 -24.11
C LYS E 9 -21.51 24.68 -23.09
N GLY E 10 -22.41 25.26 -22.30
CA GLY E 10 -23.42 24.53 -21.51
C GLY E 10 -24.70 25.35 -21.45
N ASP E 11 -25.52 25.08 -20.44
CA ASP E 11 -26.89 25.64 -20.33
C ASP E 11 -26.81 27.06 -19.77
N GLY E 12 -25.99 27.29 -18.73
CA GLY E 12 -25.87 28.58 -18.04
C GLY E 12 -25.01 29.56 -18.83
N PRO E 13 -24.43 30.58 -18.16
CA PRO E 13 -23.63 31.61 -18.85
C PRO E 13 -22.14 31.28 -19.09
N VAL E 14 -21.67 30.10 -18.66
CA VAL E 14 -20.24 29.74 -18.83
C VAL E 14 -20.03 29.37 -20.31
N GLN E 15 -19.04 29.99 -20.92
CA GLN E 15 -18.65 29.70 -22.32
C GLN E 15 -17.19 30.08 -22.45
N GLY E 16 -16.50 29.46 -23.41
CA GLY E 16 -15.12 29.85 -23.69
C GLY E 16 -14.58 29.15 -24.90
N ILE E 17 -13.32 29.45 -25.19
CA ILE E 17 -12.60 28.85 -26.34
C ILE E 17 -11.22 28.48 -25.80
N ILE E 18 -10.85 27.22 -25.99
CA ILE E 18 -9.54 26.70 -25.57
C ILE E 18 -8.84 26.14 -26.79
N ASN E 19 -7.60 26.60 -26.99
CA ASN E 19 -6.71 26.10 -28.06
CA ASN E 19 -6.66 26.15 -28.05
C ASN E 19 -5.68 25.15 -27.43
N PHE E 20 -5.32 24.11 -28.17
CA PHE E 20 -4.24 23.17 -27.82
C PHE E 20 -3.26 23.13 -29.00
N GLU E 21 -1.97 23.06 -28.71
CA GLU E 21 -0.92 22.98 -29.76
C GLU E 21 0.23 22.11 -29.27
N GLN E 22 0.70 21.23 -30.14
CA GLN E 22 1.77 20.26 -29.81
C GLN E 22 2.77 20.25 -30.99
N LYS E 23 4.05 20.51 -30.72
CA LYS E 23 5.11 20.64 -31.75
C LYS E 23 5.69 19.24 -32.03
N GLU E 24 5.99 18.48 -30.98
CA GLU E 24 6.60 17.11 -31.05
C GLU E 24 5.57 16.09 -30.51
N SER E 25 5.45 14.95 -31.17
CA SER E 25 4.42 13.91 -30.88
C SER E 25 4.49 13.46 -29.40
N ASN E 26 5.69 13.40 -28.81
CA ASN E 26 5.93 12.96 -27.41
C ASN E 26 6.15 14.18 -26.51
N GLY E 27 6.05 15.38 -27.08
CA GLY E 27 6.36 16.67 -26.43
C GLY E 27 5.13 17.28 -25.76
N PRO E 28 5.31 18.38 -24.99
CA PRO E 28 4.22 18.99 -24.23
C PRO E 28 3.14 19.60 -25.13
N VAL E 29 1.92 19.65 -24.60
CA VAL E 29 0.78 20.36 -25.25
C VAL E 29 0.60 21.70 -24.53
N LYS E 30 0.64 22.78 -25.29
CA LYS E 30 0.29 24.14 -24.82
C LYS E 30 -1.23 24.24 -24.92
N VAL E 31 -1.87 24.60 -23.81
CA VAL E 31 -3.34 24.76 -23.67
C VAL E 31 -3.57 26.19 -23.24
N TRP E 32 -4.31 26.97 -24.02
CA TRP E 32 -4.54 28.38 -23.66
C TRP E 32 -5.85 28.88 -24.26
N GLY E 33 -6.39 29.91 -23.64
CA GLY E 33 -7.61 30.55 -24.12
C GLY E 33 -8.28 31.24 -22.98
N SER E 34 -9.59 31.33 -23.04
CA SER E 34 -10.37 32.19 -22.13
C SER E 34 -11.69 31.49 -21.83
N ILE E 35 -12.14 31.51 -20.58
CA ILE E 35 -13.51 31.08 -20.19
C ILE E 35 -14.13 32.24 -19.40
N LYS E 36 -15.39 32.57 -19.66
CA LYS E 36 -16.06 33.74 -19.03
C LYS E 36 -17.32 33.20 -18.36
N GLY E 37 -17.91 33.98 -17.45
CA GLY E 37 -19.17 33.68 -16.75
C GLY E 37 -18.95 32.73 -15.58
N LEU E 38 -17.70 32.50 -15.14
CA LEU E 38 -17.40 31.61 -13.99
C LEU E 38 -17.48 32.41 -12.69
N THR E 39 -17.82 31.75 -11.58
CA THR E 39 -17.58 32.25 -10.19
C THR E 39 -16.07 32.42 -9.99
N GLU E 40 -15.68 33.39 -9.16
CA GLU E 40 -14.25 33.71 -8.88
C GLU E 40 -13.58 32.44 -8.31
N GLY E 41 -12.28 32.28 -8.55
CA GLY E 41 -11.47 31.18 -7.96
C GLY E 41 -11.38 29.93 -8.84
N LEU E 42 -11.07 28.80 -8.21
CA LEU E 42 -10.68 27.54 -8.87
C LEU E 42 -11.89 26.85 -9.49
N HIS E 43 -11.72 26.29 -10.69
CA HIS E 43 -12.67 25.38 -11.37
C HIS E 43 -11.90 24.19 -11.96
N GLY E 44 -12.36 22.98 -11.66
CA GLY E 44 -11.84 21.73 -12.22
C GLY E 44 -11.90 21.81 -13.74
N PHE E 45 -10.84 21.33 -14.39
CA PHE E 45 -10.60 21.49 -15.83
C PHE E 45 -10.04 20.16 -16.34
N HIS E 46 -10.86 19.38 -17.02
CA HIS E 46 -10.57 17.96 -17.34
C HIS E 46 -10.95 17.64 -18.78
N VAL E 47 -10.17 16.78 -19.39
CA VAL E 47 -10.58 16.01 -20.60
C VAL E 47 -11.30 14.76 -20.14
N HIS E 48 -12.55 14.62 -20.55
CA HIS E 48 -13.43 13.45 -20.30
C HIS E 48 -13.35 12.52 -21.52
N GLU E 49 -13.71 11.26 -21.31
CA GLU E 49 -13.39 10.12 -22.20
C GLU E 49 -14.12 10.26 -23.55
N PHE E 50 -15.39 10.67 -23.60
CA PHE E 50 -16.21 10.56 -24.82
C PHE E 50 -16.49 11.95 -25.38
N GLY E 51 -16.40 12.06 -26.71
CA GLY E 51 -16.76 13.25 -27.49
C GLY E 51 -18.23 13.16 -27.84
N ASP E 52 -19.04 12.96 -26.80
CA ASP E 52 -20.47 12.55 -26.86
C ASP E 52 -21.26 13.59 -26.08
N ASN E 53 -21.98 14.46 -26.78
CA ASN E 53 -22.84 15.50 -26.14
C ASN E 53 -24.32 15.12 -26.31
N THR E 54 -24.65 13.84 -26.46
CA THR E 54 -26.04 13.39 -26.75
C THR E 54 -26.96 13.78 -25.58
N ALA E 55 -26.53 13.67 -24.32
CA ALA E 55 -27.31 14.14 -23.15
C ALA E 55 -26.59 15.31 -22.46
N GLY E 56 -26.11 16.29 -23.25
CA GLY E 56 -25.24 17.37 -22.78
C GLY E 56 -23.93 16.82 -22.21
N CYS E 57 -23.32 17.54 -21.26
CA CYS E 57 -21.96 17.26 -20.73
C CYS E 57 -21.92 15.90 -20.03
N THR E 58 -23.06 15.36 -19.58
CA THR E 58 -23.12 14.08 -18.83
C THR E 58 -22.67 12.91 -19.70
N SER E 59 -22.98 12.96 -21.00
CA SER E 59 -22.65 11.88 -21.97
CA SER E 59 -22.65 11.87 -21.96
C SER E 59 -21.13 11.82 -22.20
N ALA E 60 -20.37 12.83 -21.76
CA ALA E 60 -18.89 12.85 -21.94
C ALA E 60 -18.23 11.75 -21.11
N GLY E 61 -18.95 11.15 -20.15
CA GLY E 61 -18.42 10.06 -19.32
C GLY E 61 -17.40 10.58 -18.31
N PRO E 62 -16.52 9.69 -17.80
CA PRO E 62 -15.58 10.06 -16.75
C PRO E 62 -14.31 10.74 -17.32
N HIS E 63 -13.36 11.07 -16.44
CA HIS E 63 -12.06 11.64 -16.87
C HIS E 63 -11.39 10.63 -17.81
N PHE E 64 -10.82 11.09 -18.90
CA PHE E 64 -10.08 10.25 -19.88
C PHE E 64 -8.97 9.52 -19.12
N ASN E 65 -9.04 8.21 -19.07
CA ASN E 65 -8.20 7.40 -18.14
C ASN E 65 -7.75 6.11 -18.83
N PRO E 66 -6.96 6.18 -19.93
CA PRO E 66 -6.55 4.96 -20.63
C PRO E 66 -5.65 4.04 -19.78
N LEU E 67 -4.93 4.56 -18.77
CA LEU E 67 -4.00 3.75 -17.95
C LEU E 67 -4.70 3.23 -16.69
N SER E 68 -6.00 3.49 -16.54
CA SER E 68 -6.83 2.98 -15.42
CA SER E 68 -6.82 2.96 -15.42
C SER E 68 -6.21 3.36 -14.07
N ARG E 69 -5.72 4.60 -13.94
CA ARG E 69 -5.19 5.17 -12.67
C ARG E 69 -6.28 5.89 -11.88
N LYS E 70 -5.95 6.30 -10.65
CA LYS E 70 -6.81 7.12 -9.77
C LYS E 70 -6.65 8.59 -10.16
N HIS E 71 -7.63 9.44 -9.83
CA HIS E 71 -7.58 10.90 -10.04
C HIS E 71 -6.41 11.55 -9.27
N GLY E 72 -5.70 12.50 -9.89
CA GLY E 72 -4.65 13.32 -9.26
C GLY E 72 -4.63 14.72 -9.79
N GLY E 73 -3.70 15.54 -9.28
CA GLY E 73 -3.31 16.78 -9.95
C GLY E 73 -2.40 16.48 -11.13
N PRO E 74 -2.25 17.42 -12.09
CA PRO E 74 -1.46 17.19 -13.30
C PRO E 74 0.03 16.89 -13.04
N LYS E 75 0.54 17.37 -11.89
CA LYS E 75 1.95 17.13 -11.46
C LYS E 75 2.15 15.70 -10.93
N ASP E 76 1.09 14.98 -10.57
CA ASP E 76 1.22 13.61 -9.98
C ASP E 76 1.47 12.60 -11.09
N GLU E 77 2.26 11.56 -10.79
CA GLU E 77 2.43 10.36 -11.65
C GLU E 77 1.10 9.59 -11.65
N GLU E 78 0.51 9.43 -10.47
CA GLU E 78 -0.82 8.78 -10.33
C GLU E 78 -1.89 9.83 -10.66
N ARG E 79 -2.37 9.80 -11.90
CA ARG E 79 -3.40 10.74 -12.42
C ARG E 79 -4.08 10.09 -13.62
N HIS E 80 -5.29 10.54 -13.94
CA HIS E 80 -5.93 10.35 -15.27
C HIS E 80 -5.16 11.14 -16.31
N VAL E 81 -5.08 10.65 -17.54
CA VAL E 81 -4.57 11.46 -18.66
C VAL E 81 -5.30 12.80 -18.70
N GLY E 82 -6.63 12.79 -18.49
CA GLY E 82 -7.47 14.01 -18.59
C GLY E 82 -7.35 14.98 -17.41
N ASP E 83 -6.48 14.72 -16.43
CA ASP E 83 -6.42 15.54 -15.19
C ASP E 83 -5.54 16.77 -15.40
N LEU E 84 -6.12 17.90 -15.86
CA LEU E 84 -5.40 19.17 -16.10
C LEU E 84 -5.54 20.10 -14.90
N GLY E 85 -6.04 19.61 -13.78
CA GLY E 85 -6.09 20.39 -12.52
C GLY E 85 -7.17 21.44 -12.53
N ASN E 86 -6.79 22.66 -12.17
CA ASN E 86 -7.73 23.78 -12.02
C ASN E 86 -7.34 24.91 -12.97
N VAL E 87 -8.33 25.73 -13.31
CA VAL E 87 -8.13 27.07 -13.92
C VAL E 87 -8.66 28.07 -12.90
N THR E 88 -8.22 29.32 -12.96
CA THR E 88 -8.54 30.40 -11.99
C THR E 88 -9.28 31.51 -12.70
N ALA E 89 -10.52 31.73 -12.31
CA ALA E 89 -11.38 32.85 -12.75
C ALA E 89 -11.07 34.06 -11.84
N ASP E 90 -10.85 35.24 -12.45
CA ASP E 90 -10.66 36.55 -11.76
C ASP E 90 -12.02 37.05 -11.23
N LYS E 91 -12.06 38.23 -10.62
CA LYS E 91 -13.30 38.80 -9.99
C LYS E 91 -14.39 38.96 -11.06
N ASP E 92 -13.98 39.30 -12.28
CA ASP E 92 -14.89 39.53 -13.44
C ASP E 92 -15.45 38.20 -13.98
N GLY E 93 -15.06 37.06 -13.39
CA GLY E 93 -15.57 35.72 -13.77
C GLY E 93 -14.93 35.20 -15.04
N VAL E 94 -13.73 35.69 -15.36
CA VAL E 94 -12.97 35.32 -16.58
C VAL E 94 -11.73 34.56 -16.13
N ALA E 95 -11.59 33.33 -16.65
CA ALA E 95 -10.36 32.53 -16.53
C ALA E 95 -9.55 32.63 -17.82
N ASP E 96 -8.44 33.36 -17.77
CA ASP E 96 -7.34 33.27 -18.76
C ASP E 96 -6.62 31.95 -18.52
N VAL E 97 -6.63 31.07 -19.52
CA VAL E 97 -6.07 29.70 -19.36
C VAL E 97 -4.71 29.69 -20.03
N SER E 98 -3.73 29.18 -19.32
CA SER E 98 -2.40 28.89 -19.88
C SER E 98 -1.80 27.73 -19.10
N ILE E 99 -1.73 26.57 -19.74
CA ILE E 99 -1.28 25.27 -19.16
C ILE E 99 -0.30 24.63 -20.15
N GLU E 100 0.70 23.93 -19.63
CA GLU E 100 1.56 23.00 -20.41
C GLU E 100 1.45 21.63 -19.77
N ASP E 101 1.18 20.62 -20.58
CA ASP E 101 1.00 19.25 -20.04
C ASP E 101 1.66 18.27 -21.00
N SER E 102 2.35 17.30 -20.42
CA SER E 102 3.16 16.28 -21.13
CA SER E 102 3.10 16.29 -21.19
C SER E 102 2.45 14.91 -21.06
N VAL E 103 1.25 14.83 -20.45
CA VAL E 103 0.53 13.52 -20.33
C VAL E 103 -0.58 13.46 -21.37
N ILE E 104 -1.33 14.55 -21.58
CA ILE E 104 -2.24 14.65 -22.76
C ILE E 104 -1.35 14.67 -24.02
N SER E 105 -1.90 14.28 -25.16
CA SER E 105 -1.25 14.36 -26.49
C SER E 105 -2.27 14.73 -27.58
N LEU E 106 -1.79 15.22 -28.71
CA LEU E 106 -2.60 15.44 -29.93
C LEU E 106 -2.28 14.34 -30.95
N SER E 107 -1.64 13.24 -30.51
CA SER E 107 -1.41 12.02 -31.34
C SER E 107 -1.29 10.80 -30.44
N GLY E 108 -1.53 9.62 -31.02
CA GLY E 108 -1.31 8.31 -30.38
C GLY E 108 -2.40 7.95 -29.38
N ASP E 109 -2.11 7.00 -28.49
CA ASP E 109 -3.10 6.35 -27.60
C ASP E 109 -3.62 7.33 -26.52
N HIS E 110 -2.90 8.42 -26.21
CA HIS E 110 -3.29 9.47 -25.23
C HIS E 110 -3.83 10.70 -25.95
N CYS E 111 -4.11 10.57 -27.23
CA CYS E 111 -4.66 11.66 -28.04
C CYS E 111 -6.03 12.07 -27.46
N ILE E 112 -6.27 13.38 -27.38
CA ILE E 112 -7.54 13.95 -26.83
C ILE E 112 -8.43 14.51 -27.95
N ILE E 113 -8.01 14.44 -29.22
CA ILE E 113 -8.88 14.88 -30.35
C ILE E 113 -10.12 13.98 -30.35
N GLY E 114 -11.30 14.56 -30.40
CA GLY E 114 -12.56 13.79 -30.40
C GLY E 114 -13.03 13.41 -29.00
N ARG E 115 -12.34 13.86 -27.96
CA ARG E 115 -12.79 13.72 -26.54
C ARG E 115 -13.38 15.06 -26.11
N THR E 116 -13.81 15.20 -24.86
CA THR E 116 -14.55 16.38 -24.38
C THR E 116 -13.75 17.10 -23.28
N LEU E 117 -13.56 18.40 -23.44
CA LEU E 117 -13.03 19.26 -22.38
C LEU E 117 -14.22 19.76 -21.57
N VAL E 118 -14.14 19.69 -20.25
CA VAL E 118 -15.21 20.13 -19.32
C VAL E 118 -14.59 21.11 -18.32
N VAL E 119 -15.26 22.23 -18.07
CA VAL E 119 -14.97 23.10 -16.90
C VAL E 119 -16.08 22.87 -15.87
N HIS E 120 -15.67 22.68 -14.61
CA HIS E 120 -16.52 22.17 -13.50
C HIS E 120 -16.97 23.32 -12.60
N GLU E 121 -18.00 23.04 -11.81
CA GLU E 121 -18.66 23.95 -10.82
C GLU E 121 -17.66 24.47 -9.78
N LYS E 122 -16.81 23.57 -9.24
CA LYS E 122 -15.99 23.83 -8.02
C LYS E 122 -14.52 23.48 -8.29
N ALA E 123 -13.66 23.76 -7.33
CA ALA E 123 -12.23 23.34 -7.34
C ALA E 123 -12.16 21.82 -7.49
N ASP E 124 -11.17 21.36 -8.27
CA ASP E 124 -10.60 20.00 -8.23
C ASP E 124 -9.72 19.92 -6.97
N ASP E 125 -9.96 18.95 -6.08
CA ASP E 125 -9.20 18.79 -4.82
C ASP E 125 -7.89 18.04 -5.09
N LEU E 126 -7.64 17.70 -6.35
CA LEU E 126 -6.39 17.05 -6.84
C LEU E 126 -6.19 15.71 -6.14
N GLY E 127 -7.29 15.04 -5.80
CA GLY E 127 -7.27 13.73 -5.14
C GLY E 127 -6.90 13.80 -3.66
N LYS E 128 -7.00 14.96 -3.00
CA LYS E 128 -6.50 15.14 -1.60
C LYS E 128 -7.68 15.30 -0.63
N GLY E 129 -8.86 14.80 -1.01
CA GLY E 129 -10.11 15.00 -0.26
C GLY E 129 -10.40 13.93 0.79
N GLY E 130 -9.75 12.77 0.71
CA GLY E 130 -9.93 11.66 1.67
C GLY E 130 -11.25 10.93 1.49
N ASN E 131 -11.86 10.97 0.29
CA ASN E 131 -13.09 10.21 -0.01
C ASN E 131 -12.98 9.60 -1.42
N GLU E 132 -13.84 8.64 -1.72
CA GLU E 132 -13.80 7.86 -3.00
C GLU E 132 -13.87 8.86 -4.17
N GLU E 133 -14.75 9.84 -4.05
CA GLU E 133 -15.04 10.87 -5.09
C GLU E 133 -13.75 11.65 -5.38
N SER E 134 -12.97 11.97 -4.35
CA SER E 134 -11.71 12.74 -4.51
C SER E 134 -10.82 12.03 -5.53
N THR E 135 -10.66 10.72 -5.40
CA THR E 135 -9.70 9.94 -6.23
C THR E 135 -10.40 9.44 -7.50
N LYS E 136 -11.62 9.93 -7.79
CA LYS E 136 -12.33 9.71 -9.08
C LYS E 136 -12.50 11.03 -9.84
N THR E 137 -13.14 12.05 -9.24
CA THR E 137 -13.52 13.31 -9.92
C THR E 137 -12.83 14.53 -9.31
N GLY E 138 -12.17 14.40 -8.16
CA GLY E 138 -11.63 15.56 -7.44
C GLY E 138 -12.71 16.40 -6.78
N ASN E 139 -13.95 15.93 -6.69
CA ASN E 139 -15.05 16.65 -6.01
C ASN E 139 -15.27 18.00 -6.70
N ALA E 140 -15.10 18.08 -8.02
CA ALA E 140 -15.17 19.35 -8.77
C ALA E 140 -16.64 19.69 -9.09
N GLY E 141 -17.56 18.80 -8.75
CA GLY E 141 -18.99 19.08 -8.91
C GLY E 141 -19.43 19.03 -10.36
N SER E 142 -20.46 19.80 -10.69
CA SER E 142 -21.24 19.68 -11.95
C SER E 142 -20.39 20.19 -13.11
N ARG E 143 -20.83 19.85 -14.30
CA ARG E 143 -20.16 20.20 -15.58
C ARG E 143 -20.85 21.48 -16.07
N LEU E 144 -20.22 22.65 -15.94
CA LEU E 144 -20.82 23.96 -16.33
C LEU E 144 -20.80 24.09 -17.87
N ALA E 145 -19.69 23.75 -18.51
CA ALA E 145 -19.58 23.84 -19.97
C ALA E 145 -18.57 22.81 -20.48
N CYS E 146 -18.77 22.40 -21.72
CA CYS E 146 -17.97 21.35 -22.39
C CYS E 146 -17.99 21.56 -23.89
N GLY E 147 -17.06 20.90 -24.58
CA GLY E 147 -17.05 20.84 -26.05
C GLY E 147 -16.23 19.67 -26.50
N VAL E 148 -16.48 19.21 -27.72
CA VAL E 148 -15.64 18.17 -28.34
C VAL E 148 -14.40 18.88 -28.89
N ILE E 149 -13.25 18.23 -28.70
CA ILE E 149 -11.93 18.79 -29.07
C ILE E 149 -11.71 18.46 -30.56
N GLY E 150 -11.59 19.47 -31.39
CA GLY E 150 -11.58 19.31 -32.85
C GLY E 150 -10.37 19.97 -33.51
N ILE E 151 -10.13 19.62 -34.77
CA ILE E 151 -8.97 20.10 -35.56
C ILE E 151 -9.24 21.53 -36.00
N ALA E 152 -8.26 22.39 -35.76
CA ALA E 152 -8.29 23.84 -36.06
C ALA E 152 -7.43 24.08 -37.30
N GLN E 153 -7.65 25.18 -38.01
CA GLN E 153 -6.71 25.66 -39.06
C GLN E 153 -5.34 25.86 -38.40
N ALA F 1 -13.78 -2.50 -33.63
CA ALA F 1 -14.54 -1.40 -34.30
C ALA F 1 -14.23 -0.06 -33.60
N THR F 2 -14.23 1.03 -34.37
CA THR F 2 -14.22 2.42 -33.86
C THR F 2 -15.66 2.92 -33.93
N LYS F 3 -16.19 3.48 -32.84
CA LYS F 3 -17.54 4.05 -32.80
C LYS F 3 -17.41 5.53 -32.45
N VAL F 4 -18.02 6.38 -33.28
CA VAL F 4 -17.97 7.85 -33.07
C VAL F 4 -19.37 8.41 -33.20
N VAL F 5 -19.54 9.64 -32.75
CA VAL F 5 -20.89 10.25 -32.68
C VAL F 5 -20.73 11.75 -32.88
N CYS F 6 -21.79 12.34 -33.40
CA CYS F 6 -21.84 13.77 -33.71
C CYS F 6 -23.21 14.28 -33.31
N VAL F 7 -23.25 15.36 -32.54
CA VAL F 7 -24.52 16.02 -32.14
C VAL F 7 -24.65 17.30 -32.97
N LEU F 8 -25.66 17.37 -33.82
CA LEU F 8 -25.87 18.50 -34.75
C LEU F 8 -26.69 19.54 -34.02
N LYS F 9 -26.15 20.75 -33.91
CA LYS F 9 -26.83 21.93 -33.32
C LYS F 9 -26.48 23.13 -34.18
N GLY F 10 -27.39 24.09 -34.27
CA GLY F 10 -27.18 25.33 -35.02
C GLY F 10 -27.93 26.50 -34.40
N ASP F 11 -28.04 27.61 -35.12
CA ASP F 11 -28.71 28.86 -34.67
C ASP F 11 -30.24 28.70 -34.75
N GLY F 12 -30.74 27.83 -35.65
CA GLY F 12 -32.17 27.53 -35.80
C GLY F 12 -32.57 26.30 -35.01
N PRO F 13 -33.72 25.68 -35.34
CA PRO F 13 -34.22 24.51 -34.61
C PRO F 13 -33.74 23.13 -35.08
N VAL F 14 -32.91 23.08 -36.10
CA VAL F 14 -32.46 21.76 -36.62
C VAL F 14 -31.51 21.15 -35.58
N GLN F 15 -31.76 19.90 -35.20
CA GLN F 15 -30.95 19.14 -34.21
C GLN F 15 -30.94 17.68 -34.63
N GLY F 16 -29.88 16.96 -34.30
CA GLY F 16 -29.77 15.55 -34.69
C GLY F 16 -28.62 14.88 -34.00
N ILE F 17 -28.65 13.56 -34.03
CA ILE F 17 -27.55 12.70 -33.52
C ILE F 17 -27.16 11.76 -34.66
N ILE F 18 -25.89 11.76 -35.01
CA ILE F 18 -25.38 10.85 -36.08
C ILE F 18 -24.23 10.02 -35.50
N ASN F 19 -24.37 8.71 -35.64
CA ASN F 19 -23.41 7.66 -35.27
C ASN F 19 -22.59 7.30 -36.49
N PHE F 20 -21.29 7.04 -36.31
CA PHE F 20 -20.42 6.41 -37.32
C PHE F 20 -19.79 5.18 -36.68
N GLU F 21 -19.72 4.07 -37.41
CA GLU F 21 -19.02 2.84 -36.95
C GLU F 21 -18.19 2.25 -38.10
N GLN F 22 -16.97 1.83 -37.79
CA GLN F 22 -16.03 1.19 -38.74
C GLN F 22 -15.48 -0.07 -38.08
N LYS F 23 -15.81 -1.24 -38.63
CA LYS F 23 -15.39 -2.59 -38.18
C LYS F 23 -13.88 -2.80 -38.41
N GLU F 24 -13.31 -2.30 -39.51
CA GLU F 24 -11.91 -2.58 -39.94
C GLU F 24 -11.23 -1.29 -40.39
N SER F 25 -9.90 -1.21 -40.28
CA SER F 25 -9.07 0.01 -40.47
C SER F 25 -9.28 0.63 -41.86
N ASN F 26 -9.33 -0.21 -42.90
CA ASN F 26 -9.42 0.25 -44.31
C ASN F 26 -10.87 0.12 -44.80
N GLY F 27 -11.79 -0.35 -43.94
CA GLY F 27 -13.13 -0.82 -44.33
C GLY F 27 -14.15 0.31 -44.42
N PRO F 28 -15.39 0.01 -44.86
CA PRO F 28 -16.47 0.98 -44.93
C PRO F 28 -16.95 1.50 -43.57
N VAL F 29 -17.44 2.74 -43.55
CA VAL F 29 -18.05 3.37 -42.35
C VAL F 29 -19.57 3.35 -42.52
N LYS F 30 -20.29 2.83 -41.52
CA LYS F 30 -21.77 2.96 -41.43
C LYS F 30 -22.08 4.28 -40.71
N VAL F 31 -22.97 5.06 -41.27
CA VAL F 31 -23.42 6.36 -40.73
C VAL F 31 -24.91 6.25 -40.54
N TRP F 32 -25.42 6.47 -39.33
CA TRP F 32 -26.88 6.38 -39.08
C TRP F 32 -27.28 7.26 -37.91
N GLY F 33 -28.52 7.72 -37.96
CA GLY F 33 -29.14 8.49 -36.88
C GLY F 33 -30.32 9.25 -37.40
N SER F 34 -30.66 10.33 -36.74
CA SER F 34 -31.88 11.06 -37.05
C SER F 34 -31.56 12.55 -36.97
N ILE F 35 -32.19 13.33 -37.84
CA ILE F 35 -32.13 14.81 -37.77
C ILE F 35 -33.58 15.29 -37.84
N LYS F 36 -33.94 16.22 -36.97
CA LYS F 36 -35.32 16.75 -36.79
C LYS F 36 -35.35 18.24 -37.12
N GLY F 37 -36.51 18.78 -37.52
CA GLY F 37 -36.73 20.22 -37.77
C GLY F 37 -36.28 20.66 -39.16
N LEU F 38 -36.07 19.71 -40.08
CA LEU F 38 -35.64 20.00 -41.48
C LEU F 38 -36.88 20.16 -42.37
N THR F 39 -36.79 21.01 -43.39
CA THR F 39 -37.78 21.08 -44.50
C THR F 39 -37.76 19.75 -45.27
N GLU F 40 -38.95 19.28 -45.64
CA GLU F 40 -39.17 18.03 -46.40
C GLU F 40 -38.25 18.03 -47.62
N GLY F 41 -37.57 16.92 -47.91
CA GLY F 41 -36.78 16.81 -49.15
C GLY F 41 -35.29 16.66 -48.87
N LEU F 42 -34.46 16.98 -49.84
CA LEU F 42 -33.00 16.67 -49.80
C LEU F 42 -32.26 17.78 -49.05
N HIS F 43 -31.29 17.39 -48.25
CA HIS F 43 -30.36 18.33 -47.57
C HIS F 43 -28.92 17.83 -47.71
N GLY F 44 -28.03 18.72 -48.13
CA GLY F 44 -26.60 18.42 -48.27
C GLY F 44 -26.06 17.96 -46.93
N PHE F 45 -25.17 16.98 -46.96
CA PHE F 45 -24.69 16.29 -45.74
C PHE F 45 -23.20 16.04 -45.94
N HIS F 46 -22.35 16.79 -45.26
CA HIS F 46 -20.89 16.83 -45.56
C HIS F 46 -20.09 16.85 -44.26
N VAL F 47 -18.92 16.23 -44.29
CA VAL F 47 -17.84 16.44 -43.31
C VAL F 47 -17.02 17.64 -43.80
N HIS F 48 -17.02 18.72 -43.03
CA HIS F 48 -16.20 19.94 -43.27
C HIS F 48 -14.86 19.75 -42.53
N GLU F 49 -13.85 20.54 -42.93
CA GLU F 49 -12.42 20.31 -42.64
C GLU F 49 -12.10 20.46 -41.16
N PHE F 50 -12.64 21.47 -40.51
CA PHE F 50 -12.24 21.89 -39.14
C PHE F 50 -13.32 21.57 -38.11
N GLY F 51 -12.89 20.99 -37.00
CA GLY F 51 -13.72 20.81 -35.79
C GLY F 51 -13.71 22.08 -34.98
N ASP F 52 -14.09 23.17 -35.61
CA ASP F 52 -13.94 24.55 -35.08
C ASP F 52 -15.31 25.22 -35.07
N ASN F 53 -15.90 25.38 -33.89
CA ASN F 53 -17.24 25.99 -33.75
CA ASN F 53 -17.25 25.96 -33.67
C ASN F 53 -17.10 27.39 -33.14
N THR F 54 -15.92 28.01 -33.28
CA THR F 54 -15.67 29.38 -32.70
C THR F 54 -16.66 30.39 -33.30
N ALA F 55 -17.06 30.29 -34.56
CA ALA F 55 -18.04 31.22 -35.18
C ALA F 55 -19.22 30.42 -35.74
N GLY F 56 -19.85 29.61 -34.89
CA GLY F 56 -20.89 28.64 -35.29
C GLY F 56 -20.37 27.71 -36.38
N CYS F 57 -21.25 27.33 -37.31
CA CYS F 57 -20.95 26.33 -38.37
C CYS F 57 -20.01 26.92 -39.43
N THR F 58 -19.97 28.26 -39.58
CA THR F 58 -19.09 28.98 -40.53
C THR F 58 -17.62 28.59 -40.34
N SER F 59 -17.19 28.42 -39.09
CA SER F 59 -15.76 28.19 -38.77
C SER F 59 -15.34 26.77 -39.10
N ALA F 60 -16.27 25.89 -39.51
CA ALA F 60 -15.94 24.51 -39.91
C ALA F 60 -15.13 24.47 -41.22
N GLY F 61 -15.05 25.59 -41.94
CA GLY F 61 -14.29 25.66 -43.19
C GLY F 61 -14.99 24.89 -44.31
N PRO F 62 -14.28 24.52 -45.39
CA PRO F 62 -14.91 23.87 -46.55
C PRO F 62 -15.03 22.36 -46.36
N HIS F 63 -15.60 21.67 -47.34
CA HIS F 63 -15.72 20.19 -47.33
C HIS F 63 -14.32 19.63 -47.07
N PHE F 64 -14.20 18.64 -46.19
CA PHE F 64 -12.91 17.96 -45.91
C PHE F 64 -12.38 17.41 -47.24
N ASN F 65 -11.17 17.81 -47.63
CA ASN F 65 -10.67 17.62 -49.01
C ASN F 65 -9.17 17.40 -49.03
N PRO F 66 -8.62 16.38 -48.34
CA PRO F 66 -7.18 16.20 -48.23
C PRO F 66 -6.52 15.89 -49.59
N LEU F 67 -7.26 15.29 -50.55
CA LEU F 67 -6.74 14.94 -51.89
C LEU F 67 -6.97 16.09 -52.88
N SER F 68 -7.42 17.25 -52.41
CA SER F 68 -7.53 18.50 -53.21
C SER F 68 -8.29 18.24 -54.52
N ARG F 69 -9.48 17.63 -54.46
CA ARG F 69 -10.36 17.36 -55.62
C ARG F 69 -11.51 18.37 -55.63
N LYS F 70 -12.35 18.31 -56.67
CA LYS F 70 -13.58 19.13 -56.81
C LYS F 70 -14.75 18.37 -56.14
N HIS F 71 -15.84 19.08 -55.87
CA HIS F 71 -17.05 18.51 -55.24
C HIS F 71 -17.73 17.50 -56.18
N GLY F 72 -18.20 16.37 -55.63
CA GLY F 72 -19.12 15.44 -56.33
C GLY F 72 -20.07 14.75 -55.35
N GLY F 73 -20.88 13.82 -55.85
CA GLY F 73 -21.65 12.87 -55.03
C GLY F 73 -20.74 11.78 -54.47
N PRO F 74 -21.17 11.05 -53.43
CA PRO F 74 -20.33 10.03 -52.80
C PRO F 74 -19.86 8.93 -53.77
N LYS F 75 -20.63 8.64 -54.82
CA LYS F 75 -20.35 7.55 -55.80
C LYS F 75 -19.41 8.03 -56.90
N ASP F 76 -19.10 9.33 -56.99
CA ASP F 76 -18.16 9.90 -58.00
C ASP F 76 -16.71 9.64 -57.57
N GLU F 77 -15.82 9.34 -58.53
CA GLU F 77 -14.37 9.21 -58.26
C GLU F 77 -13.84 10.60 -57.92
N GLU F 78 -14.29 11.63 -58.65
CA GLU F 78 -13.98 13.05 -58.34
CA GLU F 78 -13.97 13.04 -58.33
C GLU F 78 -14.95 13.51 -57.24
N ARG F 79 -14.52 13.41 -55.98
CA ARG F 79 -15.29 13.95 -54.83
C ARG F 79 -14.30 14.39 -53.76
N HIS F 80 -14.78 15.25 -52.86
CA HIS F 80 -14.13 15.52 -51.55
C HIS F 80 -14.30 14.30 -50.67
N VAL F 81 -13.36 14.02 -49.78
CA VAL F 81 -13.53 12.93 -48.79
C VAL F 81 -14.84 13.19 -48.02
N GLY F 82 -15.15 14.44 -47.73
CA GLY F 82 -16.33 14.81 -46.93
C GLY F 82 -17.66 14.77 -47.69
N ASP F 83 -17.69 14.33 -48.94
CA ASP F 83 -18.90 14.41 -49.77
C ASP F 83 -19.78 13.17 -49.55
N LEU F 84 -20.76 13.29 -48.64
CA LEU F 84 -21.67 12.17 -48.29
C LEU F 84 -23.02 12.39 -48.98
N GLY F 85 -23.11 13.36 -49.89
CA GLY F 85 -24.30 13.62 -50.71
C GLY F 85 -25.42 14.26 -49.89
N ASN F 86 -26.60 13.63 -49.93
CA ASN F 86 -27.83 14.18 -49.33
C ASN F 86 -28.41 13.20 -48.32
N VAL F 87 -29.17 13.77 -47.39
CA VAL F 87 -30.13 13.02 -46.55
C VAL F 87 -31.52 13.53 -46.93
N THR F 88 -32.55 12.74 -46.63
CA THR F 88 -33.95 13.02 -47.04
C THR F 88 -34.79 13.22 -45.77
N ALA F 89 -35.36 14.40 -45.62
CA ALA F 89 -36.35 14.70 -44.58
C ALA F 89 -37.72 14.26 -45.12
N ASP F 90 -38.39 13.37 -44.39
CA ASP F 90 -39.78 12.89 -44.64
CA ASP F 90 -39.76 12.91 -44.74
C ASP F 90 -40.74 14.06 -44.45
N LYS F 91 -42.04 13.82 -44.58
CA LYS F 91 -43.07 14.89 -44.50
C LYS F 91 -43.14 15.46 -43.08
N ASP F 92 -42.63 14.73 -42.08
CA ASP F 92 -42.67 15.18 -40.66
CA ASP F 92 -42.62 15.10 -40.64
C ASP F 92 -41.42 16.03 -40.34
N GLY F 93 -40.57 16.31 -41.33
CA GLY F 93 -39.32 17.08 -41.12
C GLY F 93 -38.22 16.25 -40.46
N VAL F 94 -38.34 14.93 -40.44
CA VAL F 94 -37.34 14.01 -39.85
C VAL F 94 -36.58 13.32 -40.98
N ALA F 95 -35.26 13.41 -40.97
CA ALA F 95 -34.37 12.58 -41.80
C ALA F 95 -33.83 11.44 -40.95
N ASP F 96 -34.32 10.23 -41.21
CA ASP F 96 -33.66 8.99 -40.76
C ASP F 96 -32.46 8.77 -41.69
N VAL F 97 -31.26 8.83 -41.13
CA VAL F 97 -30.00 8.76 -41.92
C VAL F 97 -29.50 7.32 -41.87
N SER F 98 -29.13 6.77 -43.02
CA SER F 98 -28.38 5.50 -43.10
C SER F 98 -27.56 5.52 -44.40
N ILE F 99 -26.25 5.59 -44.26
CA ILE F 99 -25.26 5.73 -45.35
C ILE F 99 -24.14 4.76 -45.04
N GLU F 100 -23.57 4.16 -46.08
CA GLU F 100 -22.30 3.42 -45.98
CA GLU F 100 -22.31 3.41 -45.99
C GLU F 100 -21.34 4.09 -46.95
N ASP F 101 -20.14 4.38 -46.47
CA ASP F 101 -19.17 5.09 -47.31
C ASP F 101 -17.83 4.43 -47.06
N SER F 102 -17.00 4.32 -48.10
CA SER F 102 -15.65 3.72 -47.97
CA SER F 102 -15.65 3.70 -48.06
C SER F 102 -14.55 4.74 -48.27
N VAL F 103 -14.92 6.00 -48.51
CA VAL F 103 -13.89 7.07 -48.70
C VAL F 103 -13.58 7.73 -47.34
N ILE F 104 -14.60 8.08 -46.56
CA ILE F 104 -14.37 8.53 -45.15
C ILE F 104 -13.82 7.34 -44.36
N SER F 105 -13.09 7.62 -43.28
CA SER F 105 -12.50 6.62 -42.36
C SER F 105 -12.59 7.14 -40.93
N LEU F 106 -12.53 6.24 -39.95
CA LEU F 106 -12.38 6.55 -38.50
C LEU F 106 -10.96 6.20 -38.06
N SER F 107 -10.06 5.99 -39.02
CA SER F 107 -8.59 5.86 -38.81
C SER F 107 -7.87 6.23 -40.11
N GLY F 108 -6.64 6.73 -40.03
CA GLY F 108 -5.79 6.98 -41.22
C GLY F 108 -5.96 8.38 -41.78
N ASP F 109 -5.45 8.60 -42.99
CA ASP F 109 -5.32 9.94 -43.64
C ASP F 109 -6.71 10.55 -43.91
N HIS F 110 -7.75 9.71 -44.08
CA HIS F 110 -9.14 10.17 -44.41
C HIS F 110 -10.00 10.17 -43.13
N CYS F 111 -9.35 10.16 -41.96
CA CYS F 111 -10.05 10.11 -40.66
C CYS F 111 -10.87 11.39 -40.47
N ILE F 112 -12.11 11.25 -40.02
CA ILE F 112 -13.03 12.41 -39.82
C ILE F 112 -13.20 12.75 -38.32
N ILE F 113 -12.57 11.99 -37.43
CA ILE F 113 -12.64 12.25 -35.96
C ILE F 113 -12.04 13.64 -35.73
N GLY F 114 -12.79 14.48 -35.02
CA GLY F 114 -12.36 15.85 -34.71
C GLY F 114 -12.64 16.82 -35.84
N ARG F 115 -13.33 16.39 -36.91
CA ARG F 115 -13.80 17.30 -37.99
C ARG F 115 -15.26 17.57 -37.72
N THR F 116 -15.96 18.30 -38.60
CA THR F 116 -17.35 18.77 -38.37
C THR F 116 -18.28 18.16 -39.42
N LEU F 117 -19.38 17.57 -38.96
CA LEU F 117 -20.49 17.15 -39.84
C LEU F 117 -21.49 18.31 -39.93
N VAL F 118 -21.90 18.68 -41.15
CA VAL F 118 -22.87 19.79 -41.37
C VAL F 118 -24.05 19.25 -42.20
N VAL F 119 -25.25 19.59 -41.77
CA VAL F 119 -26.47 19.41 -42.60
C VAL F 119 -26.86 20.79 -43.14
N HIS F 120 -27.05 20.89 -44.46
CA HIS F 120 -27.21 22.17 -45.17
C HIS F 120 -28.69 22.49 -45.43
N GLU F 121 -28.94 23.73 -45.80
CA GLU F 121 -30.30 24.26 -46.05
C GLU F 121 -30.94 23.59 -47.26
N LYS F 122 -30.17 23.39 -48.33
CA LYS F 122 -30.69 22.96 -49.66
C LYS F 122 -30.05 21.64 -50.08
N ALA F 123 -30.54 21.07 -51.19
CA ALA F 123 -29.98 19.86 -51.82
C ALA F 123 -28.55 20.14 -52.24
N ASP F 124 -27.69 19.14 -52.06
CA ASP F 124 -26.39 19.03 -52.76
C ASP F 124 -26.70 18.63 -54.20
N ASP F 125 -26.27 19.43 -55.17
CA ASP F 125 -26.51 19.16 -56.61
C ASP F 125 -25.44 18.22 -57.16
N LEU F 126 -24.52 17.76 -56.29
CA LEU F 126 -23.51 16.71 -56.60
C LEU F 126 -22.55 17.19 -57.70
N GLY F 127 -22.38 18.51 -57.85
CA GLY F 127 -21.45 19.09 -58.83
C GLY F 127 -22.09 19.24 -60.22
N LYS F 128 -23.41 19.14 -60.36
CA LYS F 128 -24.10 19.10 -61.68
CA LYS F 128 -24.07 19.11 -61.70
C LYS F 128 -24.88 20.39 -61.92
N GLY F 129 -24.57 21.47 -61.19
CA GLY F 129 -25.36 22.72 -61.22
C GLY F 129 -24.90 23.73 -62.27
N GLY F 130 -23.76 23.48 -62.93
CA GLY F 130 -23.19 24.31 -64.02
C GLY F 130 -22.60 25.63 -63.54
N ASN F 131 -22.07 25.69 -62.32
CA ASN F 131 -21.35 26.89 -61.81
C ASN F 131 -20.26 26.48 -60.81
N GLU F 132 -19.38 27.45 -60.46
CA GLU F 132 -18.22 27.19 -59.56
C GLU F 132 -18.77 26.78 -58.18
N GLU F 133 -19.83 27.42 -57.72
CA GLU F 133 -20.51 27.02 -56.44
C GLU F 133 -20.80 25.51 -56.48
N SER F 134 -21.32 25.00 -57.59
CA SER F 134 -21.69 23.57 -57.74
C SER F 134 -20.49 22.65 -57.49
N THR F 135 -19.32 22.96 -58.07
CA THR F 135 -18.15 22.05 -58.01
C THR F 135 -17.28 22.39 -56.79
N LYS F 136 -17.78 23.21 -55.85
CA LYS F 136 -17.15 23.54 -54.55
C LYS F 136 -18.04 23.02 -53.40
N THR F 137 -19.29 23.44 -53.34
CA THR F 137 -20.23 23.17 -52.22
C THR F 137 -21.50 22.42 -52.65
N GLY F 138 -21.70 22.19 -53.96
CA GLY F 138 -22.91 21.56 -54.50
C GLY F 138 -24.14 22.44 -54.38
N ASN F 139 -23.96 23.75 -54.17
CA ASN F 139 -25.10 24.69 -53.97
C ASN F 139 -26.01 24.23 -52.83
N ALA F 140 -25.47 23.57 -51.80
CA ALA F 140 -26.28 23.09 -50.65
C ALA F 140 -26.65 24.27 -49.75
N GLY F 141 -26.04 25.44 -49.97
CA GLY F 141 -26.37 26.68 -49.24
C GLY F 141 -25.95 26.61 -47.77
N SER F 142 -26.79 27.15 -46.89
CA SER F 142 -26.39 27.59 -45.53
C SER F 142 -26.26 26.37 -44.62
N ARG F 143 -25.51 26.54 -43.53
CA ARG F 143 -25.24 25.46 -42.55
C ARG F 143 -26.32 25.57 -41.47
N LEU F 144 -27.28 24.66 -41.46
CA LEU F 144 -28.42 24.70 -40.52
C LEU F 144 -27.93 24.18 -39.16
N ALA F 145 -27.11 23.14 -39.14
CA ALA F 145 -26.66 22.52 -37.88
C ALA F 145 -25.37 21.75 -38.14
N CYS F 146 -24.56 21.60 -37.10
CA CYS F 146 -23.22 21.00 -37.21
C CYS F 146 -22.79 20.48 -35.85
N GLY F 147 -21.79 19.61 -35.86
CA GLY F 147 -21.15 19.12 -34.63
C GLY F 147 -19.76 18.62 -34.95
N VAL F 148 -18.90 18.67 -33.94
CA VAL F 148 -17.57 18.00 -34.01
C VAL F 148 -17.79 16.51 -33.81
N ILE F 149 -17.09 15.72 -34.59
CA ILE F 149 -17.22 14.25 -34.61
C ILE F 149 -16.31 13.73 -33.50
N GLY F 150 -16.87 12.99 -32.57
CA GLY F 150 -16.18 12.63 -31.32
C GLY F 150 -16.25 11.16 -31.03
N ILE F 151 -15.40 10.72 -30.10
CA ILE F 151 -15.34 9.28 -29.71
C ILE F 151 -16.56 8.92 -28.87
N ALA F 152 -17.26 7.85 -29.26
CA ALA F 152 -18.46 7.35 -28.57
C ALA F 152 -18.08 6.13 -27.71
N GLN F 153 -18.86 5.83 -26.68
CA GLN F 153 -18.79 4.54 -25.95
C GLN F 153 -18.93 3.38 -26.95
ZN ZN G . 2.24 14.73 10.85
C8 LR2 H . 3.47 -5.00 17.44
O1 LR2 H . 2.68 -6.80 14.45
C11 LR2 H . 1.20 -3.61 16.73
C10 LR2 H . 1.78 -3.41 17.96
C1 LR2 H . 3.45 -6.20 15.20
C2 LR2 H . 5.46 -7.42 14.49
C3 LR2 H . 6.52 -8.18 14.99
C4 LR2 H . 7.07 -9.13 14.16
C5 LR2 H . 6.57 -9.29 12.88
C7 LR2 H . 2.92 -5.20 16.18
C9 LR2 H . 2.92 -4.09 18.31
C12 LR2 H . 1.76 -4.51 15.83
SE1 LR2 H . 1.08 -4.91 14.09
N1 LR2 H . 4.78 -6.43 15.22
N2 LR2 H . 4.95 -7.57 13.26
C6 LR2 H . 5.52 -8.50 12.48
ZN ZN I . -3.09 15.26 14.64
S SO4 J . -11.96 23.91 4.17
O1 SO4 J . -12.94 24.18 5.18
O2 SO4 J . -11.74 25.09 3.38
O3 SO4 J . -10.74 23.54 4.82
O4 SO4 J . -12.43 22.86 3.31
S SO4 K . -8.95 25.98 8.14
O1 SO4 K . -9.71 27.10 8.60
O2 SO4 K . -9.76 24.79 8.21
O3 SO4 K . -7.78 25.84 8.96
O4 SO4 K . -8.53 26.20 6.77
S SO4 L . -22.33 18.50 -0.26
O1 SO4 L . -22.21 19.14 1.01
O2 SO4 L . -23.72 18.40 -0.63
O3 SO4 L . -21.62 19.28 -1.26
O4 SO4 L . -21.74 17.19 -0.21
S SO4 M . 15.57 9.51 7.01
O1 SO4 M . 14.75 8.36 6.77
O2 SO4 M . 14.85 10.48 7.78
O3 SO4 M . 16.76 9.12 7.72
O4 SO4 M . 15.96 10.09 5.74
S SO4 N . -18.50 -2.06 5.25
O1 SO4 N . -18.42 -1.84 6.66
O2 SO4 N . -18.58 -0.80 4.56
O3 SO4 N . -17.34 -2.79 4.80
O4 SO4 N . -19.68 -2.82 4.95
S SO4 O . -2.05 18.08 17.38
O1 SO4 O . -2.49 19.37 16.90
O2 SO4 O . -3.15 17.40 17.95
O3 SO4 O . -1.04 18.28 18.39
O4 SO4 O . -1.50 17.33 16.30
C1 GOL P . 7.70 14.80 -2.27
O1 GOL P . 7.36 13.56 -2.88
C2 GOL P . 9.16 14.85 -1.91
O2 GOL P . 9.80 13.70 -2.45
C3 GOL P . 9.43 14.93 -0.42
O3 GOL P . 8.55 15.83 0.24
S DMS Q . -6.56 19.57 21.96
O DMS Q . -7.72 19.15 21.14
C1 DMS Q . -5.28 20.09 20.84
C2 DMS Q . -5.77 18.11 22.58
S DMS R . -20.65 24.99 9.37
O DMS R . -20.66 23.51 9.07
C1 DMS R . -18.99 25.56 9.14
C2 DMS R . -20.73 25.16 11.14
CL CL S . -0.51 14.88 -0.22
ZN ZN T . -12.63 -16.93 29.81
C8 LR2 U . 0.04 -8.01 16.08
O1 LR2 U . 3.14 -8.18 17.89
C11 LR2 U . -0.74 -6.65 18.36
C10 LR2 U . -1.57 -6.71 17.26
C1 LR2 U . 2.25 -8.64 17.19
C2 LR2 U . 3.53 -10.47 16.12
C3 LR2 U . 3.68 -11.23 14.96
C4 LR2 U . 4.88 -11.87 14.74
C5 LR2 U . 5.90 -11.76 15.67
C7 LR2 U . 0.90 -7.97 17.18
C9 LR2 U . -1.18 -7.38 16.12
C12 LR2 U . 0.50 -7.28 18.32
SE1 LR2 U . 1.77 -7.30 19.75
N1 LR2 U . 2.36 -9.78 16.46
N2 LR2 U . 4.52 -10.35 17.03
C6 LR2 U . 5.67 -11.00 16.80
ZN ZN V . -15.64 -11.09 30.07
S SO4 W . -19.05 -10.90 45.75
O1 SO4 W . -19.42 -11.72 46.87
O2 SO4 W . -19.97 -9.81 45.62
O3 SO4 W . -17.72 -10.42 45.94
O4 SO4 W . -19.09 -11.70 44.55
S SO4 X . -13.20 -2.14 52.58
O1 SO4 X . -14.50 -1.89 52.04
O2 SO4 X . -13.29 -2.43 53.98
O3 SO4 X . -12.37 -0.98 52.39
O4 SO4 X . -12.62 -3.27 51.90
S SO4 Y . -22.68 -1.48 46.62
O1 SO4 Y . -22.85 -0.79 45.39
O2 SO4 Y . -23.54 -0.89 47.61
O3 SO4 Y . -21.32 -1.40 47.05
O4 SO4 Y . -23.04 -2.87 46.47
S SO4 Z . -23.28 -6.96 27.54
O1 SO4 Z . -23.07 -6.18 28.73
O2 SO4 Z . -24.60 -6.69 27.03
O3 SO4 Z . -23.16 -8.35 27.88
O4 SO4 Z . -22.31 -6.62 26.54
S SO4 AA . -22.24 -12.58 41.87
O1 SO4 AA . -23.28 -11.83 41.24
O2 SO4 AA . -22.66 -12.96 43.20
O3 SO4 AA . -21.05 -11.75 41.97
O4 SO4 AA . -21.98 -13.77 41.12
S SO4 BA . 1.30 4.83 37.80
O1 SO4 BA . 0.14 4.10 38.24
O2 SO4 BA . 1.69 5.76 38.84
O3 SO4 BA . 2.38 3.92 37.54
O4 SO4 BA . 0.98 5.56 36.60
S SO4 CA . -19.18 -12.38 28.44
O1 SO4 CA . -19.94 -12.98 29.50
O2 SO4 CA . -19.70 -11.06 28.23
O3 SO4 CA . -17.81 -12.35 28.82
O4 SO4 CA . -19.33 -13.15 27.24
C1 GOL DA . -8.02 -27.71 35.99
O1 GOL DA . -9.20 -27.47 35.23
C2 GOL DA . -7.00 -26.61 35.80
O2 GOL DA . -6.46 -26.69 34.48
C3 GOL DA . -5.87 -26.63 36.81
O3 GOL DA . -4.60 -26.47 36.18
S DMS EA . -23.23 -14.48 32.12
O DMS EA . -21.90 -15.15 31.99
C1 DMS EA . -23.78 -14.67 33.80
C2 DMS EA . -24.45 -15.51 31.37
CL CL FA . -3.18 -2.93 44.43
ZN ZN GA . 22.58 -24.81 28.77
C8 LR2 HA . 15.34 -10.28 16.26
O1 LR2 HA . 11.97 -11.34 15.68
C11 LR2 HA . 15.88 -12.79 15.24
C10 LR2 HA . 16.90 -11.88 15.45
C1 LR2 HA . 12.86 -10.85 16.35
C2 LR2 HA . 11.49 -9.23 17.61
C3 LR2 HA . 11.51 -7.86 17.88
C4 LR2 HA . 10.31 -7.21 18.08
C5 LR2 HA . 9.14 -7.92 18.00
C7 LR2 HA . 14.29 -11.20 16.07
C9 LR2 HA . 16.64 -10.64 15.97
C12 LR2 HA . 14.57 -12.46 15.54
SE1 LR2 HA . 13.06 -13.65 15.29
N1 LR2 HA . 12.63 -10.00 17.40
N2 LR2 HA . 10.35 -9.92 17.52
C6 LR2 HA . 9.21 -9.26 17.73
ZN ZN IA . 26.90 -26.38 23.89
S SO4 JA . 13.90 -16.00 36.45
O1 SO4 JA . 13.09 -16.57 37.48
O2 SO4 JA . 13.08 -15.65 35.32
O3 SO4 JA . 14.91 -16.95 36.03
O4 SO4 JA . 14.55 -14.82 36.95
S SO4 KA . 12.99 -35.83 34.06
O1 SO4 KA . 11.63 -35.39 34.12
O2 SO4 KA . 13.86 -34.72 34.28
O3 SO4 KA . 13.24 -36.82 35.06
O4 SO4 KA . 13.24 -36.40 32.75
S SO4 LA . 21.98 -49.24 16.19
O1 SO4 LA . 20.61 -49.30 16.64
O2 SO4 LA . 22.74 -48.43 17.11
O3 SO4 LA . 22.53 -50.56 16.14
O4 SO4 LA . 22.03 -48.66 14.88
S SO4 MA . 12.78 -33.38 5.48
O1 SO4 MA . 11.49 -33.93 5.80
O2 SO4 MA . 12.65 -31.96 5.30
O3 SO4 MA . 13.72 -33.66 6.53
O4 SO4 MA . 13.25 -33.97 4.25
C1 GOL NA . 10.91 -28.50 36.56
O1 GOL NA . 9.53 -28.14 36.58
C2 GOL NA . 11.63 -27.95 37.77
O2 GOL NA . 11.24 -26.59 38.01
C3 GOL NA . 13.14 -28.04 37.65
O3 GOL NA . 13.71 -26.83 37.18
S DMS OA . 32.87 -29.56 28.90
O DMS OA . 31.53 -29.00 29.26
C1 DMS OA . 32.97 -31.20 29.55
C2 DMS OA . 34.09 -28.79 29.94
S DMS PA . 35.78 -26.27 21.60
O DMS PA . 34.94 -27.18 20.79
C1 DMS PA . 35.27 -26.48 23.29
C2 DMS PA . 35.15 -24.64 21.36
S DMS QA . 24.91 -33.47 5.83
O DMS QA . 24.91 -31.96 5.76
C1 DMS QA . 23.21 -33.96 5.97
C2 DMS QA . 25.17 -34.01 4.16
S DMS RA . 26.60 -42.38 25.72
O DMS RA . 25.19 -42.51 25.20
C1 DMS RA . 26.77 -43.67 26.93
C2 DMS RA . 26.60 -41.04 26.84
CL CL SA . 29.73 -25.29 25.65
ZN ZN TA . 19.72 -7.68 -7.01
C8 LR2 UA . 12.39 -11.40 12.33
O1 LR2 UA . 13.19 -8.43 14.17
C11 LR2 UA . 15.08 -11.30 11.69
C10 LR2 UA . 14.33 -12.42 11.38
C1 LR2 UA . 12.51 -9.10 13.40
C2 LR2 UA . 10.42 -7.73 13.38
C3 LR2 UA . 9.50 -7.23 12.46
C4 LR2 UA . 8.80 -6.09 12.80
C5 LR2 UA . 9.03 -5.49 14.03
C7 LR2 UA . 13.13 -10.26 12.68
C9 LR2 UA . 12.98 -12.47 11.68
C12 LR2 UA . 14.48 -10.22 12.33
SE1 LR2 UA . 15.48 -8.66 12.83
N1 LR2 UA . 11.19 -8.89 13.15
N2 LR2 UA . 10.66 -7.17 14.56
C6 LR2 UA . 9.97 -6.06 14.87
ZN ZN VA . 24.20 -12.12 -5.67
S SO4 WA . 36.41 -4.84 -12.68
O1 SO4 WA . 35.17 -4.48 -13.33
O2 SO4 WA . 36.68 -3.95 -11.61
O3 SO4 WA . 36.28 -6.19 -12.16
O4 SO4 WA . 37.50 -4.81 -13.62
S SO4 XA . 33.90 -8.38 -14.80
O1 SO4 XA . 32.49 -8.53 -15.09
O2 SO4 XA . 34.09 -8.26 -13.38
O3 SO4 XA . 34.39 -7.20 -15.45
O4 SO4 XA . 34.59 -9.54 -15.28
S SO4 YA . 46.10 -2.18 -5.71
O1 SO4 YA . 44.94 -2.50 -6.50
O2 SO4 YA . 45.71 -1.37 -4.59
O3 SO4 YA . 46.70 -3.39 -5.24
O4 SO4 YA . 47.05 -1.46 -6.51
C1 GOL ZA . 23.31 -14.84 -8.19
O1 GOL ZA . 23.10 -16.16 -8.68
C2 GOL ZA . 22.09 -13.97 -8.36
O2 GOL ZA . 22.49 -12.60 -8.36
C3 GOL ZA . 21.02 -14.16 -7.31
O3 GOL ZA . 19.72 -14.02 -7.88
CL CL AB . 27.32 -19.48 7.51
ZN ZN BB . -9.36 12.68 -13.03
C8 LR2 CB . -7.05 8.32 -33.20
O1 LR2 CB . -3.91 9.88 -33.96
C11 LR2 CB . -7.63 10.88 -32.33
C10 LR2 CB . -8.63 9.92 -32.40
C1 LR2 CB . -4.62 8.98 -33.51
C2 LR2 CB . -3.01 7.12 -33.80
C3 LR2 CB . -2.94 5.83 -34.32
C4 LR2 CB . -1.72 5.37 -34.75
C5 LR2 CB . -0.61 6.18 -34.65
C7 LR2 CB . -6.03 9.27 -33.11
C9 LR2 CB . -8.34 8.64 -32.84
C12 LR2 CB . -6.33 10.56 -32.66
SE1 LR2 CB . -4.84 11.79 -32.57
N1 LR2 CB . -4.20 7.71 -33.33
N2 LR2 CB . -1.95 7.93 -33.70
C6 LR2 CB . -0.77 7.43 -34.12
ZN ZN DB . -14.49 16.45 -14.87
S SO4 EB . 2.38 19.09 -5.22
O1 SO4 EB . 2.59 18.93 -3.81
O2 SO4 EB . 1.66 20.31 -5.44
O3 SO4 EB . 1.64 17.99 -5.75
O4 SO4 EB . 3.66 19.16 -5.89
S SO4 FB . -11.88 28.62 -4.52
O1 SO4 FB . -13.18 29.05 -5.02
O2 SO4 FB . -11.68 29.12 -3.19
O3 SO4 FB . -10.84 29.12 -5.36
O4 SO4 FB . -11.85 27.18 -4.49
S SO4 GB . -18.64 15.72 -7.40
O1 SO4 GB . -19.86 15.86 -8.16
O2 SO4 GB . -18.23 17.00 -6.89
O3 SO4 GB . -17.61 15.17 -8.25
O4 SO4 GB . -18.86 14.83 -6.29
S SO4 HB . -5.15 33.16 -30.12
O1 SO4 HB . -5.54 33.64 -28.83
O2 SO4 HB . -5.25 34.22 -31.10
O3 SO4 HB . -3.77 32.70 -30.07
O4 SO4 HB . -6.00 32.07 -30.51
S SO4 IB . -23.37 16.88 -14.32
O1 SO4 IB . -24.76 16.70 -13.97
O2 SO4 IB . -23.10 18.26 -14.59
O3 SO4 IB . -22.54 16.45 -13.22
O4 SO4 IB . -23.09 16.05 -15.47
C1 GOL JB . 2.51 10.77 -6.77
O1 GOL JB . 1.81 10.18 -7.87
C2 GOL JB . 3.83 11.37 -7.19
O2 GOL JB . 3.61 12.54 -7.96
C3 GOL JB . 4.73 10.43 -7.97
O3 GOL JB . 5.99 11.03 -8.27
S DMS KB . -8.70 40.35 -10.10
O DMS KB . -9.45 39.12 -9.72
C1 DMS KB . -8.57 41.32 -8.62
C2 DMS KB . -6.99 39.89 -10.23
CL CL LB . -16.99 14.45 -13.27
ZN ZN MB . -17.72 18.61 -51.45
C8 LR2 NB . -5.15 11.60 -36.22
O1 LR2 NB . -5.92 8.11 -36.37
C11 LR2 NB . -7.92 11.75 -36.20
C10 LR2 NB . -7.15 12.87 -35.96
C1 LR2 NB . -5.28 9.10 -36.68
C2 LR2 NB . -3.34 7.86 -37.57
C3 LR2 NB . -1.99 7.65 -37.30
C4 LR2 NB . -1.44 6.44 -37.67
C5 LR2 NB . -2.23 5.48 -38.27
C7 LR2 NB . -5.89 10.44 -36.47
C9 LR2 NB . -5.77 12.80 -35.97
C12 LR2 NB . -7.29 10.54 -36.47
SE1 LR2 NB . -8.23 8.89 -36.74
N1 LR2 NB . -4.04 9.04 -37.23
N2 LR2 NB . -4.12 6.94 -38.13
C6 LR2 NB . -3.55 5.77 -38.48
ZN ZN OB . -21.12 21.51 -46.75
S SO4 PB . -32.93 22.93 -53.49
O1 SO4 PB . -33.01 22.27 -52.20
O2 SO4 PB . -33.72 24.14 -53.45
O3 SO4 PB . -31.59 23.27 -53.81
O4 SO4 PB . -33.45 22.05 -54.51
S SO4 QB . -23.62 29.61 -43.41
O1 SO4 QB . -24.72 29.00 -42.72
O2 SO4 QB . -23.92 30.99 -43.67
O3 SO4 QB . -23.37 28.94 -44.66
O4 SO4 QB . -22.43 29.54 -42.58
S SO4 RB . -28.30 2.58 -32.03
O1 SO4 RB . -29.59 2.38 -32.63
O2 SO4 RB . -28.44 2.64 -30.60
O3 SO4 RB . -27.73 3.82 -32.49
O4 SO4 RB . -27.43 1.49 -32.40
S SO4 SB . -35.81 18.31 -52.76
O1 SO4 SB . -36.51 18.34 -54.02
O2 SO4 SB . -36.46 19.19 -51.83
O3 SO4 SB . -35.81 16.96 -52.26
O4 SO4 SB . -34.46 18.76 -52.95
S SO4 TB . -20.71 25.41 -47.65
O1 SO4 TB . -21.18 25.47 -46.29
O2 SO4 TB . -21.81 25.73 -48.51
O3 SO4 TB . -19.65 26.36 -47.82
O4 SO4 TB . -20.22 24.10 -47.93
C1 GOL UB . -16.48 9.59 -62.21
O1 GOL UB . -16.49 8.51 -61.29
C2 GOL UB . -16.78 10.92 -61.53
O2 GOL UB . -15.56 11.48 -61.03
C3 GOL UB . -17.45 11.93 -62.43
O3 GOL UB . -17.39 13.25 -61.89
S DMS VB . -43.32 10.20 -46.03
O DMS VB . -42.80 11.59 -46.20
C1 DMS VB . -43.49 9.91 -44.28
C2 DMS VB . -41.95 9.11 -46.34
CL CL WB . -23.56 10.03 -55.87
#